data_8RRJ
#
_entry.id   8RRJ
#
_cell.length_a   41.170
_cell.length_b   53.520
_cell.length_c   75.620
_cell.angle_alpha   77.710
_cell.angle_beta   85.610
_cell.angle_gamma   76.060
#
_symmetry.space_group_name_H-M   'P 1'
#
loop_
_entity.id
_entity.type
_entity.pdbx_description
1 polymer 'Aldo-keto reductase family 1 member C3'
2 non-polymer 'NADP NICOTINAMIDE-ADENINE-DINUCLEOTIDE PHOSPHATE'
3 non-polymer (3~{Z},8~{R},9~{S},10~{R},13~{S},14~{S},17~{R})-3-hydroxyimino-10,13-dimethyl-17-(pyridin-2-ylmethyl)-2,6,7,8,9,11,12,14,15,16-decahydro-1~{H}-cyclopenta[a]phenanthren-17-ol
4 non-polymer 'SODIUM ION'
5 water water
#
_entity_poly.entity_id   1
_entity_poly.type   'polypeptide(L)'
_entity_poly.pdbx_seq_one_letter_code
;GSHMDSKHQCVKLNDGHFMPVLGFGTYAPPEVPRSKALEVTKLAIEAGFRHIDSAHLYNNEEQVGLAIRSKIADGSVKRE
DIFYTSKLWSTFHRPELVRPALENSLKKAQLDYVDLYLIHSPMSLKPGEELSPTDENGKVIFDIVDLCTTWEAMEKCKDA
GLAKSIGVSNFNRRQLEMILNKPGLKYKPVCNQVECHPYFNRSKLLDFCKSKDIVLVAYSALGSQRDKRWVDPNSPVLLE
DPVLCALAKKHKRTPALIALRYQLQRGVVVLAKSYNEQRIRQNVQVFEFQLTAEDMKAIDGLDRNLHYFNSDSFASHPNY
PYSDEY
;
_entity_poly.pdbx_strand_id   A,B
#
# COMPACT_ATOMS: atom_id res chain seq x y z
N GLN A 9 23.75 -22.56 6.93
CA GLN A 9 22.84 -21.53 7.52
C GLN A 9 21.45 -21.77 6.90
N CYS A 10 20.60 -22.43 7.66
CA CYS A 10 19.28 -22.98 7.24
CA CYS A 10 19.26 -22.86 7.18
C CYS A 10 18.21 -22.48 8.22
N VAL A 11 16.93 -22.58 7.85
CA VAL A 11 15.80 -22.29 8.75
C VAL A 11 14.98 -23.57 8.76
N LYS A 12 14.41 -23.86 9.91
CA LYS A 12 13.54 -25.02 10.08
C LYS A 12 12.16 -24.63 9.59
N LEU A 13 11.65 -25.35 8.60
CA LEU A 13 10.30 -25.09 8.04
C LEU A 13 9.29 -25.74 8.97
N ASN A 14 8.02 -25.37 8.80
CA ASN A 14 6.97 -25.79 9.77
C ASN A 14 6.60 -27.27 9.54
N ASP A 15 7.16 -27.96 8.53
CA ASP A 15 7.03 -29.43 8.32
C ASP A 15 8.29 -30.20 8.77
N GLY A 16 9.27 -29.54 9.40
CA GLY A 16 10.47 -30.21 9.94
C GLY A 16 11.61 -30.32 8.94
N HIS A 17 11.40 -29.99 7.66
CA HIS A 17 12.50 -29.86 6.67
C HIS A 17 13.26 -28.53 6.88
N PHE A 18 14.44 -28.42 6.26
CA PHE A 18 15.40 -27.31 6.43
C PHE A 18 15.67 -26.64 5.08
N MET A 19 15.61 -25.32 5.09
CA MET A 19 15.78 -24.50 3.88
C MET A 19 17.01 -23.61 4.04
N PRO A 20 18.00 -23.65 3.13
CA PRO A 20 19.09 -22.68 3.23
C PRO A 20 18.59 -21.25 3.04
N VAL A 21 19.17 -20.31 3.80
CA VAL A 21 18.60 -18.96 3.94
C VAL A 21 19.06 -18.12 2.77
N LEU A 22 20.09 -18.57 2.03
CA LEU A 22 20.47 -17.90 0.76
C LEU A 22 20.11 -18.79 -0.42
N GLY A 23 19.41 -18.27 -1.41
CA GLY A 23 19.02 -19.06 -2.59
C GLY A 23 19.49 -18.44 -3.87
N PHE A 24 19.75 -19.28 -4.87
CA PHE A 24 20.22 -18.80 -6.20
C PHE A 24 19.01 -18.63 -7.11
N GLY A 25 18.86 -17.41 -7.63
CA GLY A 25 17.76 -17.16 -8.56
C GLY A 25 18.14 -17.52 -9.98
N THR A 26 17.38 -18.38 -10.64
CA THR A 26 17.78 -18.93 -11.96
C THR A 26 17.04 -18.24 -13.11
N TYR A 27 16.04 -17.39 -12.85
CA TYR A 27 15.33 -16.72 -13.98
C TYR A 27 16.30 -15.81 -14.73
N ALA A 28 16.32 -15.96 -16.05
CA ALA A 28 16.91 -14.98 -16.99
C ALA A 28 15.90 -14.74 -18.10
N PRO A 29 15.88 -13.51 -18.67
CA PRO A 29 14.94 -13.18 -19.72
C PRO A 29 15.12 -14.14 -20.89
N PRO A 30 14.09 -14.28 -21.75
CA PRO A 30 14.14 -15.23 -22.86
C PRO A 30 15.29 -14.97 -23.85
N GLU A 31 15.84 -13.75 -23.90
CA GLU A 31 16.89 -13.40 -24.88
C GLU A 31 18.22 -14.07 -24.49
N VAL A 32 18.35 -14.53 -23.24
CA VAL A 32 19.58 -15.17 -22.69
C VAL A 32 19.56 -16.64 -23.08
N PRO A 33 20.61 -17.14 -23.75
CA PRO A 33 20.63 -18.53 -24.20
C PRO A 33 20.42 -19.51 -23.03
N ARG A 34 19.68 -20.59 -23.26
CA ARG A 34 19.41 -21.63 -22.25
C ARG A 34 20.73 -22.26 -21.75
N SER A 35 21.80 -22.30 -22.55
CA SER A 35 23.11 -22.83 -22.09
C SER A 35 23.59 -22.10 -20.82
N LYS A 36 23.25 -20.83 -20.65
CA LYS A 36 23.77 -20.03 -19.53
C LYS A 36 23.26 -20.61 -18.21
N ALA A 37 22.01 -21.07 -18.15
CA ALA A 37 21.42 -21.57 -16.88
C ALA A 37 22.21 -22.78 -16.39
N LEU A 38 22.67 -23.63 -17.32
CA LEU A 38 23.52 -24.79 -16.96
C LEU A 38 24.84 -24.22 -16.41
N GLU A 39 25.49 -23.32 -17.14
CA GLU A 39 26.81 -22.78 -16.77
C GLU A 39 26.74 -22.12 -15.38
N VAL A 40 25.77 -21.22 -15.16
CA VAL A 40 25.81 -20.38 -13.93
C VAL A 40 25.28 -21.17 -12.75
N THR A 41 24.39 -22.14 -12.96
CA THR A 41 23.87 -22.98 -11.85
C THR A 41 25.03 -23.82 -11.30
N LYS A 42 25.90 -24.37 -12.16
CA LYS A 42 27.12 -25.05 -11.70
C LYS A 42 28.05 -24.07 -10.98
N LEU A 43 28.24 -22.86 -11.52
CA LEU A 43 29.09 -21.86 -10.83
C LEU A 43 28.48 -21.54 -9.44
N ALA A 44 27.16 -21.37 -9.36
CA ALA A 44 26.48 -21.05 -8.07
C ALA A 44 26.81 -22.15 -7.06
N ILE A 45 26.70 -23.41 -7.48
CA ILE A 45 26.97 -24.55 -6.58
C ILE A 45 28.45 -24.54 -6.19
N GLU A 46 29.34 -24.29 -7.12
CA GLU A 46 30.79 -24.18 -6.82
C GLU A 46 31.03 -23.10 -5.78
N ALA A 47 30.37 -21.95 -5.89
CA ALA A 47 30.56 -20.78 -5.00
C ALA A 47 30.00 -21.09 -3.61
N GLY A 48 29.06 -22.04 -3.50
CA GLY A 48 28.50 -22.48 -2.21
C GLY A 48 27.00 -22.30 -2.09
N PHE A 49 26.30 -21.94 -3.16
CA PHE A 49 24.81 -21.95 -3.14
C PHE A 49 24.33 -23.41 -3.05
N ARG A 50 23.30 -23.67 -2.26
CA ARG A 50 22.71 -25.01 -2.09
C ARG A 50 21.19 -24.96 -2.32
N HIS A 51 20.59 -23.80 -2.18
CA HIS A 51 19.18 -23.53 -2.48
C HIS A 51 19.13 -22.94 -3.88
N ILE A 52 18.39 -23.60 -4.77
N ILE A 52 18.38 -23.59 -4.76
CA ILE A 52 18.33 -23.22 -6.21
CA ILE A 52 18.31 -23.26 -6.21
C ILE A 52 16.85 -23.02 -6.57
C ILE A 52 16.84 -23.01 -6.55
N ASP A 53 16.51 -21.81 -7.03
CA ASP A 53 15.10 -21.42 -7.28
C ASP A 53 14.79 -21.42 -8.77
N SER A 54 13.92 -22.35 -9.17
CA SER A 54 13.44 -22.48 -10.56
C SER A 54 11.90 -22.62 -10.59
N ALA A 55 11.37 -22.89 -11.78
CA ALA A 55 9.90 -22.92 -12.03
C ALA A 55 9.65 -23.40 -13.44
N HIS A 56 8.46 -23.99 -13.67
CA HIS A 56 8.03 -24.34 -15.03
C HIS A 56 8.17 -23.09 -15.90
N LEU A 57 7.74 -21.95 -15.39
CA LEU A 57 7.57 -20.73 -16.22
C LEU A 57 8.93 -20.29 -16.77
N TYR A 58 10.03 -20.60 -16.11
CA TYR A 58 11.36 -20.00 -16.44
C TYR A 58 11.97 -20.64 -17.70
N ASN A 59 11.41 -21.75 -18.18
CA ASN A 59 11.94 -22.48 -19.38
C ASN A 59 13.41 -22.80 -19.13
N ASN A 60 13.75 -23.28 -17.94
CA ASN A 60 15.18 -23.57 -17.69
C ASN A 60 15.33 -24.85 -16.86
N GLU A 61 14.25 -25.60 -16.58
CA GLU A 61 14.38 -26.68 -15.58
C GLU A 61 15.32 -27.78 -16.14
N GLU A 62 15.30 -28.00 -17.46
CA GLU A 62 16.21 -28.97 -18.14
C GLU A 62 17.66 -28.61 -17.79
N GLN A 63 18.00 -27.33 -17.95
CA GLN A 63 19.41 -26.85 -17.74
C GLN A 63 19.75 -26.80 -16.26
N VAL A 64 18.85 -26.30 -15.39
CA VAL A 64 19.13 -26.22 -13.93
C VAL A 64 19.28 -27.65 -13.39
N GLY A 65 18.39 -28.54 -13.81
CA GLY A 65 18.43 -29.96 -13.43
C GLY A 65 19.76 -30.56 -13.79
N LEU A 66 20.20 -30.29 -15.01
CA LEU A 66 21.44 -30.87 -15.56
C LEU A 66 22.65 -30.30 -14.80
N ALA A 67 22.63 -29.05 -14.37
CA ALA A 67 23.70 -28.49 -13.52
C ALA A 67 23.73 -29.24 -12.18
N ILE A 68 22.56 -29.52 -11.59
CA ILE A 68 22.47 -30.21 -10.27
C ILE A 68 22.96 -31.66 -10.44
N ARG A 69 22.46 -32.34 -11.47
CA ARG A 69 22.87 -33.76 -11.73
C ARG A 69 24.38 -33.84 -11.94
N SER A 70 24.92 -32.84 -12.64
CA SER A 70 26.35 -32.73 -12.97
C SER A 70 27.17 -32.61 -11.70
N LYS A 71 26.76 -31.75 -10.77
CA LYS A 71 27.55 -31.46 -9.56
C LYS A 71 27.37 -32.61 -8.56
N ILE A 72 26.31 -33.40 -8.68
CA ILE A 72 26.20 -34.64 -7.86
C ILE A 72 27.13 -35.72 -8.43
N ALA A 73 27.10 -35.90 -9.75
CA ALA A 73 27.84 -36.99 -10.43
C ALA A 73 29.34 -36.66 -10.36
N ASP A 74 29.71 -35.38 -10.31
CA ASP A 74 31.14 -35.00 -10.24
C ASP A 74 31.66 -35.16 -8.80
N GLY A 75 30.80 -35.49 -7.82
CA GLY A 75 31.20 -35.72 -6.41
C GLY A 75 31.22 -34.46 -5.60
N SER A 76 30.81 -33.30 -6.16
CA SER A 76 30.84 -31.97 -5.50
C SER A 76 29.83 -31.92 -4.35
N VAL A 77 28.64 -32.46 -4.60
CA VAL A 77 27.50 -32.40 -3.63
C VAL A 77 26.76 -33.71 -3.73
N LYS A 78 25.98 -33.99 -2.73
CA LYS A 78 25.00 -35.08 -2.76
C LYS A 78 23.63 -34.44 -2.95
N ARG A 79 22.71 -35.26 -3.43
CA ARG A 79 21.32 -34.83 -3.71
C ARG A 79 20.77 -34.13 -2.48
N GLU A 80 21.01 -34.68 -1.30
CA GLU A 80 20.41 -34.17 -0.04
C GLU A 80 21.01 -32.83 0.37
N ASP A 81 22.19 -32.44 -0.17
CA ASP A 81 22.83 -31.13 0.10
C ASP A 81 22.13 -30.03 -0.71
N ILE A 82 21.39 -30.37 -1.77
CA ILE A 82 20.78 -29.38 -2.69
C ILE A 82 19.32 -29.22 -2.25
N PHE A 83 18.86 -27.99 -2.25
CA PHE A 83 17.45 -27.63 -1.94
C PHE A 83 16.91 -27.02 -3.23
N TYR A 84 16.21 -27.84 -4.01
CA TYR A 84 15.66 -27.44 -5.33
C TYR A 84 14.17 -27.06 -5.20
N THR A 85 13.83 -25.89 -5.72
CA THR A 85 12.48 -25.34 -5.75
C THR A 85 11.96 -25.34 -7.18
N SER A 86 10.77 -25.89 -7.37
CA SER A 86 10.00 -25.66 -8.61
C SER A 86 8.65 -25.03 -8.25
N LYS A 87 7.93 -24.58 -9.28
CA LYS A 87 6.65 -23.84 -9.09
C LYS A 87 5.61 -24.31 -10.11
N LEU A 88 4.41 -24.53 -9.61
CA LEU A 88 3.20 -24.85 -10.38
C LEU A 88 2.68 -23.60 -11.11
N TRP A 89 2.64 -23.62 -12.42
CA TRP A 89 2.25 -22.41 -13.16
C TRP A 89 0.70 -22.29 -13.16
N SER A 90 0.24 -21.07 -13.34
CA SER A 90 -1.16 -20.59 -13.14
C SER A 90 -2.15 -21.26 -14.10
N THR A 91 -1.68 -21.90 -15.18
CA THR A 91 -2.52 -22.72 -16.10
C THR A 91 -2.83 -24.14 -15.58
N PHE A 92 -2.26 -24.50 -14.43
CA PHE A 92 -2.31 -25.87 -13.84
C PHE A 92 -2.87 -25.84 -12.41
N HIS A 93 -3.64 -24.79 -12.06
CA HIS A 93 -4.35 -24.71 -10.76
C HIS A 93 -5.46 -25.77 -10.66
N ARG A 94 -6.12 -26.15 -11.75
CA ARG A 94 -7.23 -27.14 -11.59
C ARG A 94 -6.61 -28.40 -11.01
N PRO A 95 -7.20 -28.94 -9.92
CA PRO A 95 -6.51 -29.90 -9.07
C PRO A 95 -5.98 -31.13 -9.81
N GLU A 96 -6.67 -31.57 -10.86
CA GLU A 96 -6.29 -32.81 -11.60
C GLU A 96 -5.04 -32.50 -12.44
N LEU A 97 -4.70 -31.21 -12.59
CA LEU A 97 -3.56 -30.76 -13.42
C LEU A 97 -2.28 -30.65 -12.60
N VAL A 98 -2.40 -30.68 -11.27
CA VAL A 98 -1.27 -30.30 -10.38
C VAL A 98 -0.19 -31.39 -10.40
N ARG A 99 -0.56 -32.63 -10.14
CA ARG A 99 0.46 -33.68 -10.01
C ARG A 99 1.14 -33.92 -11.36
N PRO A 100 0.42 -33.99 -12.50
CA PRO A 100 1.09 -34.14 -13.79
C PRO A 100 2.03 -32.96 -14.09
N ALA A 101 1.70 -31.77 -13.59
CA ALA A 101 2.58 -30.59 -13.76
C ALA A 101 3.88 -30.83 -12.99
N LEU A 102 3.80 -31.35 -11.76
CA LEU A 102 5.02 -31.63 -10.97
C LEU A 102 5.82 -32.76 -11.64
N GLU A 103 5.17 -33.82 -12.08
CA GLU A 103 5.85 -34.96 -12.73
C GLU A 103 6.57 -34.46 -13.99
N ASN A 104 5.98 -33.48 -14.70
CA ASN A 104 6.56 -32.89 -15.95
C ASN A 104 7.81 -32.12 -15.55
N SER A 105 7.77 -31.35 -14.47
CA SER A 105 8.98 -30.63 -14.03
C SER A 105 10.07 -31.64 -13.61
N LEU A 106 9.72 -32.68 -12.86
CA LEU A 106 10.71 -33.68 -12.40
C LEU A 106 11.33 -34.36 -13.61
N LYS A 107 10.54 -34.69 -14.64
CA LYS A 107 11.05 -35.30 -15.88
C LYS A 107 12.04 -34.34 -16.55
N LYS A 108 11.71 -33.04 -16.68
CA LYS A 108 12.58 -32.06 -17.39
C LYS A 108 13.88 -31.90 -16.61
N ALA A 109 13.78 -31.78 -15.29
CA ALA A 109 14.95 -31.55 -14.41
C ALA A 109 15.72 -32.87 -14.16
N GLN A 110 15.10 -34.02 -14.49
CA GLN A 110 15.63 -35.35 -14.15
C GLN A 110 16.04 -35.41 -12.67
N LEU A 111 15.13 -35.02 -11.78
CA LEU A 111 15.21 -35.25 -10.33
C LEU A 111 14.06 -36.16 -9.94
N ASP A 112 14.19 -36.88 -8.83
CA ASP A 112 13.12 -37.78 -8.33
C ASP A 112 12.09 -36.97 -7.50
N TYR A 113 12.51 -35.85 -6.92
CA TYR A 113 11.65 -35.06 -6.01
C TYR A 113 12.15 -33.64 -6.13
N VAL A 114 11.30 -32.66 -5.81
CA VAL A 114 11.78 -31.29 -5.53
C VAL A 114 11.77 -31.11 -4.01
N ASP A 115 12.67 -30.29 -3.49
CA ASP A 115 12.65 -29.99 -2.05
C ASP A 115 11.42 -29.13 -1.74
N LEU A 116 11.01 -28.32 -2.71
CA LEU A 116 9.93 -27.33 -2.47
C LEU A 116 9.14 -27.16 -3.75
N TYR A 117 7.83 -27.26 -3.64
CA TYR A 117 6.92 -26.95 -4.75
C TYR A 117 5.98 -25.83 -4.31
N LEU A 118 5.93 -24.77 -5.12
CA LEU A 118 5.06 -23.60 -4.84
C LEU A 118 3.91 -23.50 -5.82
N ILE A 119 2.78 -22.99 -5.34
CA ILE A 119 1.81 -22.29 -6.22
C ILE A 119 2.51 -20.99 -6.63
N HIS A 120 2.84 -20.83 -7.91
CA HIS A 120 3.65 -19.71 -8.43
C HIS A 120 2.89 -18.39 -8.18
N SER A 121 1.56 -18.41 -8.28
CA SER A 121 0.77 -17.18 -8.26
C SER A 121 -0.68 -17.53 -7.94
N PRO A 122 -1.42 -16.69 -7.19
CA PRO A 122 -2.83 -16.98 -6.95
C PRO A 122 -3.74 -16.69 -8.15
N MET A 123 -3.20 -16.07 -9.19
CA MET A 123 -3.96 -15.54 -10.34
C MET A 123 -4.12 -16.63 -11.39
N SER A 124 -5.05 -17.58 -11.16
CA SER A 124 -5.39 -18.70 -12.07
C SER A 124 -5.59 -18.21 -13.52
N LEU A 125 -5.06 -18.97 -14.49
CA LEU A 125 -5.27 -18.72 -15.94
C LEU A 125 -5.90 -19.97 -16.57
N LYS A 126 -6.57 -19.73 -17.68
CA LYS A 126 -7.29 -20.78 -18.46
C LYS A 126 -6.31 -21.87 -18.81
N PRO A 127 -6.66 -23.16 -18.67
CA PRO A 127 -5.77 -24.24 -19.09
C PRO A 127 -5.65 -24.23 -20.63
N GLY A 128 -4.57 -24.82 -21.14
CA GLY A 128 -4.31 -24.94 -22.59
C GLY A 128 -2.89 -25.33 -22.92
N GLU A 129 -2.50 -25.23 -24.19
CA GLU A 129 -1.07 -25.37 -24.59
C GLU A 129 -0.29 -24.15 -24.08
N GLU A 130 -0.88 -22.95 -24.17
CA GLU A 130 -0.18 -21.65 -23.95
C GLU A 130 -0.04 -21.36 -22.44
N LEU A 131 1.18 -21.02 -22.02
CA LEU A 131 1.52 -20.58 -20.62
C LEU A 131 0.97 -19.18 -20.36
N SER A 132 0.92 -18.31 -21.37
CA SER A 132 0.11 -17.06 -21.39
C SER A 132 -1.00 -17.22 -22.43
N PRO A 133 -2.17 -17.80 -22.05
CA PRO A 133 -3.30 -17.90 -22.96
C PRO A 133 -3.86 -16.48 -23.13
N THR A 134 -3.99 -16.01 -24.37
CA THR A 134 -4.42 -14.63 -24.71
C THR A 134 -5.53 -14.64 -25.76
N ASP A 135 -6.50 -13.73 -25.65
CA ASP A 135 -7.55 -13.45 -26.67
C ASP A 135 -6.93 -12.72 -27.88
N GLU A 136 -7.78 -12.32 -28.83
CA GLU A 136 -7.43 -11.65 -30.12
C GLU A 136 -6.69 -10.31 -29.90
N ASN A 137 -6.77 -9.71 -28.71
CA ASN A 137 -6.08 -8.42 -28.41
C ASN A 137 -4.89 -8.64 -27.47
N GLY A 138 -4.42 -9.89 -27.33
CA GLY A 138 -3.36 -10.23 -26.38
C GLY A 138 -3.81 -10.05 -24.94
N LYS A 139 -5.12 -10.00 -24.66
CA LYS A 139 -5.63 -9.99 -23.26
C LYS A 139 -5.63 -11.44 -22.77
N VAL A 140 -4.87 -11.68 -21.70
CA VAL A 140 -4.76 -12.98 -20.96
C VAL A 140 -6.17 -13.41 -20.53
N ILE A 141 -6.48 -14.70 -20.65
CA ILE A 141 -7.78 -15.28 -20.21
C ILE A 141 -7.65 -15.89 -18.81
N PHE A 142 -8.44 -15.40 -17.84
CA PHE A 142 -8.39 -15.84 -16.42
C PHE A 142 -9.25 -17.09 -16.24
N ASP A 143 -9.01 -17.80 -15.14
CA ASP A 143 -9.78 -18.99 -14.69
C ASP A 143 -10.26 -18.74 -13.25
N ILE A 144 -11.45 -19.18 -12.89
CA ILE A 144 -11.92 -19.09 -11.49
C ILE A 144 -11.73 -20.48 -10.88
N VAL A 145 -10.76 -20.60 -9.96
CA VAL A 145 -10.39 -21.86 -9.27
C VAL A 145 -10.34 -21.56 -7.77
N ASP A 146 -11.03 -22.34 -6.95
CA ASP A 146 -10.88 -22.22 -5.49
C ASP A 146 -9.49 -22.78 -5.16
N LEU A 147 -8.54 -21.92 -4.77
CA LEU A 147 -7.14 -22.36 -4.53
C LEU A 147 -7.02 -23.35 -3.36
N CYS A 148 -8.03 -23.50 -2.50
CA CYS A 148 -8.04 -24.60 -1.51
C CYS A 148 -8.01 -25.97 -2.21
N THR A 149 -8.68 -26.11 -3.37
CA THR A 149 -8.70 -27.37 -4.14
C THR A 149 -7.31 -27.55 -4.75
N THR A 150 -6.69 -26.47 -5.25
CA THR A 150 -5.27 -26.53 -5.69
C THR A 150 -4.38 -26.96 -4.52
N TRP A 151 -4.58 -26.36 -3.35
CA TRP A 151 -3.75 -26.70 -2.18
C TRP A 151 -3.91 -28.18 -1.81
N GLU A 152 -5.12 -28.74 -1.84
CA GLU A 152 -5.31 -30.16 -1.50
C GLU A 152 -4.50 -31.03 -2.47
N ALA A 153 -4.44 -30.68 -3.75
CA ALA A 153 -3.65 -31.45 -4.75
C ALA A 153 -2.14 -31.30 -4.50
N MET A 154 -1.67 -30.12 -4.05
CA MET A 154 -0.28 -29.92 -3.58
C MET A 154 -0.01 -30.86 -2.39
N GLU A 155 -0.96 -30.99 -1.46
CA GLU A 155 -0.75 -31.82 -0.23
C GLU A 155 -0.56 -33.27 -0.66
N LYS A 156 -1.31 -33.71 -1.67
CA LYS A 156 -1.18 -35.09 -2.15
C LYS A 156 0.23 -35.25 -2.75
N CYS A 157 0.76 -34.21 -3.40
CA CYS A 157 2.14 -34.27 -3.99
C CYS A 157 3.20 -34.52 -2.90
N LYS A 158 3.07 -33.85 -1.77
CA LYS A 158 3.91 -34.10 -0.60
C LYS A 158 3.66 -35.54 -0.11
N ASP A 159 2.40 -35.99 0.01
CA ASP A 159 2.18 -37.37 0.52
C ASP A 159 2.81 -38.39 -0.43
N ALA A 160 2.88 -38.10 -1.73
CA ALA A 160 3.46 -39.01 -2.75
C ALA A 160 4.99 -38.96 -2.68
N GLY A 161 5.59 -38.08 -1.88
CA GLY A 161 7.07 -37.95 -1.83
C GLY A 161 7.65 -37.21 -3.03
N LEU A 162 6.84 -36.58 -3.87
CA LEU A 162 7.34 -35.90 -5.10
C LEU A 162 7.82 -34.50 -4.70
N ALA A 163 7.31 -33.96 -3.60
CA ALA A 163 7.76 -32.66 -3.04
C ALA A 163 8.01 -32.86 -1.55
N LYS A 164 9.19 -32.47 -1.04
CA LYS A 164 9.47 -32.63 0.42
C LYS A 164 8.59 -31.64 1.19
N SER A 165 8.51 -30.41 0.64
CA SER A 165 7.73 -29.29 1.22
C SER A 165 6.91 -28.62 0.13
N ILE A 166 5.83 -27.99 0.57
CA ILE A 166 4.94 -27.20 -0.31
C ILE A 166 4.72 -25.82 0.29
N GLY A 167 4.55 -24.84 -0.57
CA GLY A 167 4.37 -23.44 -0.17
C GLY A 167 3.72 -22.69 -1.30
N VAL A 168 3.69 -21.38 -1.17
CA VAL A 168 2.98 -20.51 -2.14
C VAL A 168 3.90 -19.34 -2.45
N SER A 169 3.47 -18.54 -3.41
CA SER A 169 4.25 -17.37 -3.91
C SER A 169 3.24 -16.33 -4.34
N ASN A 170 3.59 -15.06 -4.17
CA ASN A 170 2.74 -13.90 -4.60
C ASN A 170 1.37 -13.84 -3.90
N PHE A 171 1.22 -14.49 -2.75
CA PHE A 171 -0.03 -14.46 -1.95
C PHE A 171 0.04 -13.28 -1.00
N ASN A 172 -1.10 -12.63 -0.75
CA ASN A 172 -1.22 -11.58 0.27
C ASN A 172 -1.72 -12.27 1.54
N ARG A 173 -1.89 -11.51 2.61
CA ARG A 173 -2.37 -12.10 3.88
C ARG A 173 -3.72 -12.79 3.70
N ARG A 174 -4.69 -12.15 3.05
CA ARG A 174 -6.06 -12.72 2.92
C ARG A 174 -5.92 -14.08 2.23
N GLN A 175 -5.06 -14.18 1.21
CA GLN A 175 -4.93 -15.44 0.45
C GLN A 175 -4.22 -16.49 1.29
N LEU A 176 -3.21 -16.11 2.07
CA LEU A 176 -2.62 -17.07 3.03
C LEU A 176 -3.72 -17.58 3.98
N GLU A 177 -4.52 -16.67 4.56
CA GLU A 177 -5.57 -17.02 5.54
C GLU A 177 -6.55 -17.98 4.87
N MET A 178 -6.83 -17.81 3.59
CA MET A 178 -7.74 -18.75 2.90
C MET A 178 -7.17 -20.18 3.02
N ILE A 179 -5.85 -20.37 2.92
CA ILE A 179 -5.24 -21.73 3.03
C ILE A 179 -5.20 -22.09 4.53
N LEU A 180 -4.76 -21.18 5.39
CA LEU A 180 -4.60 -21.50 6.83
C LEU A 180 -5.94 -21.93 7.45
N ASN A 181 -7.04 -21.37 6.95
CA ASN A 181 -8.42 -21.63 7.46
C ASN A 181 -9.15 -22.68 6.61
N LYS A 182 -8.48 -23.36 5.69
CA LYS A 182 -9.11 -24.41 4.87
C LYS A 182 -9.57 -25.53 5.80
N PRO A 183 -10.84 -25.92 5.71
CA PRO A 183 -11.31 -27.12 6.41
C PRO A 183 -10.45 -28.34 6.07
N GLY A 184 -10.03 -29.11 7.06
CA GLY A 184 -9.25 -30.35 6.85
C GLY A 184 -7.83 -30.07 6.44
N LEU A 185 -7.31 -28.84 6.63
CA LEU A 185 -5.90 -28.51 6.27
C LEU A 185 -5.02 -29.64 6.80
N LYS A 186 -4.10 -30.14 5.98
CA LYS A 186 -3.10 -31.14 6.43
C LYS A 186 -1.72 -30.47 6.56
N TYR A 187 -1.35 -29.67 5.57
CA TYR A 187 -0.03 -29.04 5.53
C TYR A 187 -0.17 -27.53 5.34
N LYS A 188 0.28 -26.76 6.31
CA LYS A 188 0.46 -25.29 6.15
C LYS A 188 1.43 -25.04 5.00
N PRO A 189 1.34 -23.92 4.25
CA PRO A 189 2.44 -23.54 3.38
C PRO A 189 3.71 -23.34 4.23
N VAL A 190 4.85 -23.90 3.81
CA VAL A 190 6.12 -23.64 4.55
C VAL A 190 6.59 -22.21 4.30
N CYS A 191 6.24 -21.61 3.17
CA CYS A 191 6.73 -20.26 2.83
C CYS A 191 5.74 -19.53 1.96
N ASN A 192 5.95 -18.21 1.87
CA ASN A 192 5.33 -17.33 0.86
C ASN A 192 6.47 -16.59 0.16
N GLN A 193 6.72 -16.90 -1.10
CA GLN A 193 7.78 -16.24 -1.92
C GLN A 193 7.20 -14.99 -2.57
N VAL A 194 7.68 -13.84 -2.17
CA VAL A 194 7.08 -12.53 -2.55
C VAL A 194 8.21 -11.58 -2.92
N GLU A 195 7.83 -10.53 -3.64
CA GLU A 195 8.73 -9.41 -3.95
C GLU A 195 9.12 -8.72 -2.65
N CYS A 196 10.40 -8.66 -2.33
CA CYS A 196 10.82 -8.08 -1.05
C CYS A 196 12.21 -7.46 -1.17
N HIS A 197 12.33 -6.15 -0.90
CA HIS A 197 13.63 -5.45 -1.01
C HIS A 197 13.46 -4.17 -0.23
N PRO A 198 14.52 -3.38 -0.02
CA PRO A 198 14.37 -2.19 0.81
C PRO A 198 13.36 -1.15 0.36
N TYR A 199 12.92 -1.15 -0.89
CA TYR A 199 11.87 -0.19 -1.34
C TYR A 199 10.47 -0.81 -1.17
N PHE A 200 10.40 -2.07 -0.78
CA PHE A 200 9.14 -2.82 -0.54
C PHE A 200 9.41 -3.95 0.47
N ASN A 201 9.54 -3.60 1.75
CA ASN A 201 10.23 -4.47 2.73
C ASN A 201 9.20 -5.44 3.34
N ARG A 202 7.92 -5.24 3.04
CA ARG A 202 6.83 -6.18 3.43
C ARG A 202 6.90 -6.44 4.94
N SER A 203 7.15 -5.40 5.73
CA SER A 203 7.24 -5.57 7.21
C SER A 203 5.93 -6.16 7.79
N LYS A 204 4.76 -5.70 7.40
CA LYS A 204 3.52 -6.24 8.03
C LYS A 204 3.27 -7.70 7.64
N LEU A 205 3.44 -8.01 6.36
CA LEU A 205 3.24 -9.39 5.85
C LEU A 205 4.27 -10.31 6.50
N LEU A 206 5.51 -9.80 6.67
CA LEU A 206 6.59 -10.57 7.34
C LEU A 206 6.15 -10.95 8.75
N ASP A 207 5.72 -9.99 9.55
CA ASP A 207 5.22 -10.24 10.92
C ASP A 207 4.10 -11.28 10.90
N PHE A 208 3.14 -11.13 9.99
CA PHE A 208 2.01 -12.07 9.82
C PHE A 208 2.57 -13.47 9.54
N CYS A 209 3.47 -13.58 8.56
CA CYS A 209 4.08 -14.90 8.23
C CYS A 209 4.81 -15.44 9.45
N LYS A 210 5.60 -14.63 10.16
CA LYS A 210 6.30 -15.09 11.38
C LYS A 210 5.27 -15.64 12.35
N SER A 211 4.14 -14.95 12.56
CA SER A 211 3.15 -15.37 13.59
C SER A 211 2.54 -16.72 13.23
N LYS A 212 2.55 -17.12 11.96
CA LYS A 212 1.95 -18.37 11.41
C LYS A 212 3.02 -19.42 11.13
N ASP A 213 4.28 -19.16 11.49
CA ASP A 213 5.47 -20.01 11.21
C ASP A 213 5.59 -20.30 9.72
N ILE A 214 5.32 -19.29 8.89
CA ILE A 214 5.56 -19.33 7.41
C ILE A 214 6.78 -18.47 7.13
N VAL A 215 7.72 -19.02 6.38
CA VAL A 215 8.94 -18.28 5.98
C VAL A 215 8.57 -17.33 4.86
N LEU A 216 9.02 -16.08 4.94
CA LEU A 216 8.93 -15.15 3.81
C LEU A 216 10.19 -15.35 2.97
N VAL A 217 10.06 -15.64 1.68
CA VAL A 217 11.23 -15.74 0.79
C VAL A 217 11.21 -14.57 -0.16
N ALA A 218 12.28 -13.78 -0.15
CA ALA A 218 12.38 -12.55 -0.93
C ALA A 218 12.87 -12.80 -2.36
N TYR A 219 12.07 -12.35 -3.33
CA TYR A 219 12.52 -12.23 -4.72
C TYR A 219 12.71 -10.76 -5.07
N SER A 220 13.47 -10.50 -6.13
CA SER A 220 13.88 -9.13 -6.56
C SER A 220 14.49 -8.40 -5.35
N ALA A 221 15.25 -9.14 -4.53
CA ALA A 221 15.89 -8.62 -3.31
C ALA A 221 17.01 -7.66 -3.67
N LEU A 222 17.48 -7.67 -4.91
CA LEU A 222 18.51 -6.73 -5.41
C LEU A 222 17.88 -5.76 -6.40
N GLY A 223 16.55 -5.74 -6.48
CA GLY A 223 15.89 -4.62 -7.17
C GLY A 223 15.44 -5.00 -8.54
N SER A 224 15.49 -6.31 -8.84
CA SER A 224 15.02 -6.87 -10.12
C SER A 224 16.02 -6.56 -11.22
N GLN A 225 15.80 -7.28 -12.31
CA GLN A 225 16.59 -7.24 -13.56
C GLN A 225 16.14 -6.03 -14.37
N ARG A 226 15.06 -5.36 -13.94
CA ARG A 226 14.57 -4.11 -14.60
C ARG A 226 14.31 -4.37 -16.08
N ASP A 227 13.72 -5.52 -16.40
CA ASP A 227 13.26 -5.80 -17.78
CA ASP A 227 13.27 -5.80 -17.79
C ASP A 227 12.12 -4.84 -18.14
N LYS A 228 12.28 -4.10 -19.24
CA LYS A 228 11.32 -3.12 -19.84
C LYS A 228 9.86 -3.60 -19.86
N ARG A 229 9.63 -4.88 -20.16
CA ARG A 229 8.26 -5.43 -20.35
C ARG A 229 7.52 -5.48 -19.03
N TRP A 230 8.24 -5.52 -17.91
CA TRP A 230 7.62 -5.71 -16.59
C TRP A 230 7.85 -4.53 -15.67
N VAL A 231 8.95 -3.80 -15.86
CA VAL A 231 9.49 -2.82 -14.87
C VAL A 231 9.62 -1.46 -15.56
N ASP A 232 9.03 -0.45 -14.96
CA ASP A 232 9.10 0.96 -15.43
C ASP A 232 10.57 1.39 -15.34
N PRO A 233 11.21 1.80 -16.47
CA PRO A 233 12.59 2.30 -16.44
C PRO A 233 12.75 3.57 -15.58
N ASN A 234 11.65 4.28 -15.32
CA ASN A 234 11.66 5.49 -14.45
C ASN A 234 11.74 5.10 -12.96
N SER A 235 11.46 3.83 -12.60
CA SER A 235 11.47 3.41 -11.18
C SER A 235 12.87 3.60 -10.63
N PRO A 236 13.00 3.98 -9.34
CA PRO A 236 14.31 4.17 -8.72
C PRO A 236 15.12 2.87 -8.74
N VAL A 237 16.41 2.99 -9.01
CA VAL A 237 17.34 1.84 -9.14
C VAL A 237 17.82 1.45 -7.76
N LEU A 238 17.40 0.30 -7.25
CA LEU A 238 17.75 -0.06 -5.86
C LEU A 238 19.26 0.04 -5.62
N LEU A 239 20.10 -0.55 -6.46
CA LEU A 239 21.55 -0.71 -6.14
C LEU A 239 22.29 0.62 -6.28
N GLU A 240 21.61 1.69 -6.69
CA GLU A 240 22.19 3.06 -6.69
C GLU A 240 21.66 3.85 -5.51
N ASP A 241 20.86 3.24 -4.65
CA ASP A 241 20.34 3.94 -3.46
C ASP A 241 21.48 4.57 -2.67
N PRO A 242 21.43 5.88 -2.35
CA PRO A 242 22.55 6.52 -1.66
C PRO A 242 22.84 5.92 -0.28
N VAL A 243 21.81 5.53 0.47
CA VAL A 243 21.97 4.91 1.82
C VAL A 243 22.65 3.53 1.65
N LEU A 244 22.20 2.71 0.68
CA LEU A 244 22.86 1.40 0.41
C LEU A 244 24.31 1.63 -0.01
N CYS A 245 24.55 2.59 -0.87
CA CYS A 245 25.92 2.91 -1.37
CA CYS A 245 25.91 2.96 -1.38
C CYS A 245 26.79 3.39 -0.20
N ALA A 246 26.24 4.19 0.72
CA ALA A 246 27.04 4.72 1.85
C ALA A 246 27.32 3.54 2.80
N LEU A 247 26.35 2.67 3.03
CA LEU A 247 26.56 1.48 3.90
C LEU A 247 27.58 0.53 3.24
N ALA A 248 27.56 0.36 1.91
CA ALA A 248 28.55 -0.50 1.22
C ALA A 248 29.95 0.03 1.52
N LYS A 249 30.16 1.34 1.36
CA LYS A 249 31.51 1.94 1.60
C LYS A 249 31.92 1.80 3.07
N LYS A 250 30.99 2.01 3.98
CA LYS A 250 31.26 1.88 5.41
C LYS A 250 31.80 0.48 5.72
N HIS A 251 31.11 -0.59 5.26
CA HIS A 251 31.44 -2.02 5.52
C HIS A 251 32.50 -2.56 4.52
N LYS A 252 32.89 -1.76 3.51
CA LYS A 252 33.74 -2.21 2.36
C LYS A 252 33.14 -3.47 1.76
N ARG A 253 31.82 -3.41 1.50
CA ARG A 253 31.10 -4.44 0.75
C ARG A 253 30.50 -3.74 -0.48
N THR A 254 29.41 -4.23 -1.01
CA THR A 254 28.74 -3.67 -2.21
C THR A 254 27.28 -3.46 -1.85
N PRO A 255 26.56 -2.58 -2.56
CA PRO A 255 25.16 -2.36 -2.26
C PRO A 255 24.34 -3.67 -2.28
N ALA A 256 24.65 -4.57 -3.21
CA ALA A 256 23.98 -5.88 -3.34
C ALA A 256 24.15 -6.63 -2.02
N LEU A 257 25.37 -6.65 -1.47
CA LEU A 257 25.61 -7.40 -0.22
C LEU A 257 24.87 -6.77 0.94
N ILE A 258 24.73 -5.44 0.97
CA ILE A 258 23.96 -4.80 2.06
C ILE A 258 22.52 -5.28 1.93
N ALA A 259 21.98 -5.27 0.71
CA ALA A 259 20.54 -5.55 0.47
C ALA A 259 20.25 -7.00 0.88
N LEU A 260 21.20 -7.91 0.62
CA LEU A 260 21.03 -9.33 0.96
C LEU A 260 21.14 -9.48 2.46
N ARG A 261 22.14 -8.83 3.07
CA ARG A 261 22.36 -9.01 4.52
C ARG A 261 21.18 -8.45 5.33
N TYR A 262 20.57 -7.36 4.85
CA TYR A 262 19.35 -6.78 5.46
C TYR A 262 18.31 -7.88 5.65
N GLN A 263 18.02 -8.64 4.59
CA GLN A 263 17.01 -9.74 4.59
C GLN A 263 17.43 -10.79 5.59
N LEU A 264 18.71 -11.20 5.59
CA LEU A 264 19.09 -12.24 6.55
C LEU A 264 18.82 -11.80 7.99
N GLN A 265 19.09 -10.54 8.34
CA GLN A 265 19.09 -10.13 9.76
C GLN A 265 17.64 -9.93 10.16
N ARG A 266 16.71 -9.86 9.22
CA ARG A 266 15.27 -9.66 9.61
C ARG A 266 14.53 -11.00 9.50
N GLY A 267 15.25 -12.12 9.37
CA GLY A 267 14.62 -13.46 9.36
C GLY A 267 13.93 -13.78 8.03
N VAL A 268 14.30 -13.10 6.96
CA VAL A 268 13.80 -13.40 5.61
C VAL A 268 14.82 -14.32 4.89
N VAL A 269 14.32 -15.32 4.17
CA VAL A 269 15.14 -16.15 3.25
C VAL A 269 15.28 -15.40 1.93
N VAL A 270 16.53 -15.20 1.47
CA VAL A 270 16.74 -14.31 0.31
C VAL A 270 17.28 -15.05 -0.93
N LEU A 271 16.72 -14.73 -2.07
CA LEU A 271 17.18 -15.17 -3.40
C LEU A 271 18.11 -14.11 -3.96
N ALA A 272 19.05 -14.49 -4.81
CA ALA A 272 19.95 -13.55 -5.52
C ALA A 272 20.25 -14.15 -6.88
N LYS A 273 19.76 -13.54 -7.95
CA LYS A 273 20.00 -14.01 -9.32
C LYS A 273 21.26 -13.31 -9.73
N SER A 274 22.21 -14.05 -10.26
CA SER A 274 23.33 -13.47 -11.04
C SER A 274 23.75 -14.48 -12.08
N TYR A 275 23.97 -14.03 -13.32
CA TYR A 275 24.52 -14.84 -14.43
C TYR A 275 25.98 -14.46 -14.61
N ASN A 276 26.58 -13.76 -13.65
CA ASN A 276 27.97 -13.22 -13.79
C ASN A 276 28.88 -13.93 -12.80
N GLU A 277 29.98 -14.49 -13.29
CA GLU A 277 30.80 -15.37 -12.42
C GLU A 277 31.26 -14.60 -11.19
N GLN A 278 31.72 -13.36 -11.36
CA GLN A 278 32.27 -12.61 -10.22
C GLN A 278 31.18 -12.33 -9.19
N ARG A 279 29.97 -11.95 -9.63
CA ARG A 279 28.87 -11.54 -8.72
C ARG A 279 28.28 -12.76 -8.04
N ILE A 280 28.26 -13.89 -8.73
CA ILE A 280 27.78 -15.15 -8.12
C ILE A 280 28.67 -15.45 -6.91
N ARG A 281 29.97 -15.41 -7.09
CA ARG A 281 30.92 -15.70 -5.97
C ARG A 281 30.87 -14.58 -4.92
N GLN A 282 30.66 -13.34 -5.34
CA GLN A 282 30.53 -12.22 -4.37
C GLN A 282 29.34 -12.46 -3.43
N ASN A 283 28.23 -13.01 -3.93
CA ASN A 283 26.98 -12.92 -3.15
C ASN A 283 27.05 -13.81 -1.92
N VAL A 284 27.88 -14.86 -1.92
CA VAL A 284 27.99 -15.78 -0.75
C VAL A 284 28.72 -15.02 0.38
N GLN A 285 29.29 -13.83 0.09
CA GLN A 285 29.94 -12.97 1.11
C GLN A 285 28.92 -12.43 2.11
N VAL A 286 27.63 -12.62 1.86
CA VAL A 286 26.57 -12.15 2.79
C VAL A 286 26.79 -12.77 4.19
N PHE A 287 27.35 -13.98 4.34
CA PHE A 287 27.53 -14.61 5.66
C PHE A 287 28.74 -14.03 6.37
N GLU A 288 29.50 -13.12 5.75
CA GLU A 288 30.86 -12.75 6.22
C GLU A 288 30.85 -11.47 7.07
N PHE A 289 29.74 -10.76 7.13
CA PHE A 289 29.70 -9.46 7.83
C PHE A 289 28.32 -9.25 8.45
N GLN A 290 28.20 -8.24 9.31
CA GLN A 290 26.92 -7.92 9.99
C GLN A 290 26.61 -6.42 9.85
N LEU A 291 25.34 -6.07 9.68
CA LEU A 291 24.84 -4.66 9.80
C LEU A 291 24.56 -4.37 11.27
N THR A 292 24.81 -3.15 11.72
CA THR A 292 24.38 -2.69 13.07
C THR A 292 22.85 -2.54 13.13
N ALA A 293 22.28 -2.45 14.33
CA ALA A 293 20.85 -2.11 14.55
C ALA A 293 20.53 -0.77 13.88
N GLU A 294 21.43 0.20 13.98
CA GLU A 294 21.24 1.54 13.35
C GLU A 294 21.28 1.39 11.82
N ASP A 295 22.16 0.56 11.28
CA ASP A 295 22.17 0.26 9.83
C ASP A 295 20.80 -0.35 9.44
N MET A 296 20.30 -1.28 10.25
CA MET A 296 19.02 -1.97 9.93
C MET A 296 17.89 -0.94 9.91
N LYS A 297 17.88 -0.02 10.87
CA LYS A 297 16.85 1.05 11.00
C LYS A 297 16.93 1.96 9.78
N ALA A 298 18.13 2.35 9.35
CA ALA A 298 18.29 3.21 8.16
C ALA A 298 17.75 2.48 6.93
N ILE A 299 17.95 1.17 6.80
CA ILE A 299 17.48 0.48 5.57
C ILE A 299 15.95 0.39 5.68
N ASP A 300 15.44 0.14 6.88
CA ASP A 300 13.97 0.10 7.08
C ASP A 300 13.32 1.39 6.58
N GLY A 301 14.00 2.52 6.78
CA GLY A 301 13.48 3.86 6.40
C GLY A 301 13.38 4.03 4.90
N LEU A 302 14.02 3.18 4.08
CA LEU A 302 13.97 3.31 2.61
C LEU A 302 12.62 2.82 2.11
N ASP A 303 11.78 2.21 2.95
CA ASP A 303 10.56 1.51 2.44
C ASP A 303 9.68 2.51 1.70
N ARG A 304 9.19 2.12 0.52
CA ARG A 304 8.22 2.97 -0.18
C ARG A 304 7.10 2.16 -0.86
N ASN A 305 6.88 0.91 -0.47
CA ASN A 305 5.73 0.14 -1.02
C ASN A 305 5.84 0.10 -2.55
N LEU A 306 7.05 0.02 -3.09
CA LEU A 306 7.28 0.07 -4.55
C LEU A 306 7.38 -1.37 -5.02
N HIS A 307 6.36 -1.94 -5.66
CA HIS A 307 6.59 -3.18 -6.45
C HIS A 307 7.12 -2.80 -7.84
N TYR A 308 8.22 -3.45 -8.23
CA TYR A 308 8.90 -3.22 -9.53
C TYR A 308 8.03 -3.76 -10.67
N PHE A 309 7.39 -4.91 -10.47
CA PHE A 309 6.58 -5.59 -11.51
C PHE A 309 5.16 -5.04 -11.49
N ASN A 310 4.71 -4.64 -12.65
CA ASN A 310 3.33 -4.14 -12.80
CA ASN A 310 3.33 -4.11 -12.82
C ASN A 310 2.73 -4.80 -14.04
N SER A 311 1.44 -5.04 -14.02
CA SER A 311 0.71 -5.59 -15.18
C SER A 311 -0.72 -5.11 -15.09
N ASP A 312 -1.18 -4.23 -15.98
CA ASP A 312 -2.57 -3.74 -15.92
C ASP A 312 -3.47 -4.94 -16.27
N SER A 313 -3.00 -5.81 -17.16
CA SER A 313 -3.56 -7.15 -17.46
C SER A 313 -3.92 -7.89 -16.16
N PHE A 314 -2.99 -8.03 -15.22
CA PHE A 314 -3.21 -8.84 -13.97
C PHE A 314 -3.85 -8.00 -12.87
N ALA A 315 -3.70 -6.69 -12.94
CA ALA A 315 -4.28 -5.76 -11.95
C ALA A 315 -5.78 -6.07 -11.77
N SER A 316 -6.46 -6.52 -12.83
CA SER A 316 -7.93 -6.71 -12.84
C SER A 316 -8.29 -8.12 -12.36
N HIS A 317 -7.31 -9.02 -12.20
CA HIS A 317 -7.62 -10.41 -11.78
C HIS A 317 -8.27 -10.39 -10.41
N PRO A 318 -9.35 -11.16 -10.15
CA PRO A 318 -9.89 -11.24 -8.79
C PRO A 318 -8.86 -11.58 -7.69
N ASN A 319 -7.84 -12.36 -8.03
CA ASN A 319 -6.81 -12.80 -7.06
C ASN A 319 -5.56 -11.93 -7.15
N TYR A 320 -5.64 -10.78 -7.85
CA TYR A 320 -4.52 -9.81 -7.84
C TYR A 320 -4.17 -9.57 -6.38
N PRO A 321 -2.92 -9.86 -5.98
CA PRO A 321 -2.56 -9.78 -4.57
C PRO A 321 -2.38 -8.35 -4.07
N TYR A 322 -2.19 -7.38 -4.97
CA TYR A 322 -1.97 -5.98 -4.51
C TYR A 322 -3.32 -5.26 -4.54
N SER A 323 -4.40 -6.00 -4.84
CA SER A 323 -5.72 -5.61 -5.43
C SER A 323 -6.46 -4.50 -4.68
N ASP A 324 -6.22 -4.32 -3.37
CA ASP A 324 -7.01 -3.34 -2.57
C ASP A 324 -6.05 -2.33 -1.91
N GLU A 325 -4.96 -1.99 -2.62
CA GLU A 325 -3.90 -1.01 -2.22
C GLU A 325 -4.50 0.41 -2.10
N TYR A 326 -5.37 0.79 -3.05
CA TYR A 326 -6.06 2.12 -3.07
C TYR A 326 -7.54 1.95 -3.47
N GLN B 9 -9.05 31.67 -5.80
CA GLN B 9 -8.79 30.45 -6.63
C GLN B 9 -9.66 29.30 -6.09
N CYS B 10 -10.55 28.86 -6.96
CA CYS B 10 -11.65 27.92 -6.66
C CYS B 10 -11.57 26.82 -7.71
N VAL B 11 -12.20 25.67 -7.46
CA VAL B 11 -12.43 24.62 -8.49
C VAL B 11 -13.93 24.45 -8.63
N LYS B 12 -14.37 24.11 -9.83
CA LYS B 12 -15.81 23.93 -10.13
C LYS B 12 -16.17 22.50 -9.76
N LEU B 13 -17.08 22.31 -8.80
CA LEU B 13 -17.49 20.93 -8.40
C LEU B 13 -18.43 20.35 -9.47
N ASN B 14 -18.66 19.05 -9.41
CA ASN B 14 -19.49 18.34 -10.42
C ASN B 14 -20.99 18.69 -10.26
N ASP B 15 -21.42 19.46 -9.24
CA ASP B 15 -22.81 19.97 -9.10
C ASP B 15 -22.91 21.47 -9.44
N GLY B 16 -21.84 22.11 -9.94
CA GLY B 16 -21.91 23.49 -10.44
C GLY B 16 -21.45 24.51 -9.40
N HIS B 17 -21.38 24.13 -8.12
CA HIS B 17 -20.84 25.00 -7.04
C HIS B 17 -19.31 25.05 -7.09
N PHE B 18 -18.74 26.00 -6.35
CA PHE B 18 -17.30 26.38 -6.36
C PHE B 18 -16.73 26.19 -4.97
N MET B 19 -15.57 25.55 -4.93
CA MET B 19 -14.86 25.27 -3.67
C MET B 19 -13.50 25.97 -3.74
N PRO B 20 -13.17 26.86 -2.78
CA PRO B 20 -11.81 27.40 -2.73
C PRO B 20 -10.76 26.30 -2.55
N VAL B 21 -9.63 26.38 -3.25
CA VAL B 21 -8.65 25.26 -3.31
C VAL B 21 -7.76 25.22 -2.05
N LEU B 22 -7.67 26.31 -1.30
CA LEU B 22 -7.04 26.29 0.05
C LEU B 22 -8.10 26.35 1.15
N GLY B 23 -8.07 25.39 2.06
CA GLY B 23 -9.05 25.37 3.16
C GLY B 23 -8.40 25.47 4.53
N PHE B 24 -9.14 26.01 5.49
CA PHE B 24 -8.65 26.14 6.88
C PHE B 24 -9.06 24.91 7.69
N GLY B 25 -8.10 24.21 8.27
CA GLY B 25 -8.40 23.05 9.13
C GLY B 25 -8.66 23.46 10.57
N THR B 26 -9.81 23.12 11.15
CA THR B 26 -10.21 23.67 12.46
C THR B 26 -10.00 22.67 13.59
N TYR B 27 -9.65 21.42 13.32
CA TYR B 27 -9.54 20.46 14.42
C TYR B 27 -8.39 20.87 15.32
N ALA B 28 -8.63 20.89 16.62
CA ALA B 28 -7.54 20.95 17.61
C ALA B 28 -7.86 19.95 18.70
N PRO B 29 -6.82 19.37 19.33
CA PRO B 29 -7.01 18.34 20.34
C PRO B 29 -7.88 18.86 21.49
N PRO B 30 -8.56 17.96 22.22
CA PRO B 30 -9.41 18.36 23.34
C PRO B 30 -8.69 19.24 24.38
N GLU B 31 -7.36 19.14 24.51
CA GLU B 31 -6.60 19.91 25.54
C GLU B 31 -6.70 21.40 25.22
N VAL B 32 -6.91 21.78 23.95
CA VAL B 32 -6.91 23.20 23.47
C VAL B 32 -8.26 23.82 23.83
N PRO B 33 -8.30 24.94 24.58
CA PRO B 33 -9.57 25.57 24.95
C PRO B 33 -10.44 25.89 23.73
N ARG B 34 -11.74 25.70 23.86
CA ARG B 34 -12.69 25.92 22.74
C ARG B 34 -12.67 27.37 22.27
N SER B 35 -12.30 28.32 23.13
CA SER B 35 -12.16 29.76 22.78
C SER B 35 -11.18 29.95 21.60
N LYS B 36 -10.20 29.07 21.48
CA LYS B 36 -9.13 29.22 20.45
C LYS B 36 -9.73 29.04 19.05
N ALA B 37 -10.63 28.08 18.83
CA ALA B 37 -11.29 27.91 17.51
C ALA B 37 -11.96 29.23 17.06
N LEU B 38 -12.61 29.95 17.99
CA LEU B 38 -13.24 31.25 17.64
C LEU B 38 -12.13 32.23 17.22
N GLU B 39 -11.08 32.35 18.01
CA GLU B 39 -10.01 33.33 17.73
C GLU B 39 -9.37 33.05 16.37
N VAL B 40 -8.92 31.82 16.15
CA VAL B 40 -8.10 31.45 14.96
C VAL B 40 -8.94 31.39 13.69
N THR B 41 -10.23 31.07 13.79
CA THR B 41 -11.10 31.02 12.61
C THR B 41 -11.26 32.46 12.09
N LYS B 42 -11.47 33.44 12.99
CA LYS B 42 -11.51 34.86 12.58
C LYS B 42 -10.15 35.27 11.99
N LEU B 43 -9.04 34.89 12.62
CA LEU B 43 -7.68 35.16 12.06
C LEU B 43 -7.54 34.55 10.65
N ALA B 44 -8.02 33.32 10.45
CA ALA B 44 -7.96 32.63 9.15
C ALA B 44 -8.71 33.50 8.11
N ILE B 45 -9.92 33.93 8.45
CA ILE B 45 -10.76 34.73 7.51
C ILE B 45 -10.03 36.04 7.23
N GLU B 46 -9.46 36.66 8.25
CA GLU B 46 -8.76 37.95 8.06
C GLU B 46 -7.56 37.77 7.14
N ALA B 47 -6.84 36.63 7.23
CA ALA B 47 -5.67 36.34 6.38
C ALA B 47 -6.11 36.05 4.93
N GLY B 48 -7.35 35.60 4.73
CA GLY B 48 -7.89 35.38 3.36
C GLY B 48 -8.37 33.97 3.13
N PHE B 49 -8.44 33.14 4.18
CA PHE B 49 -9.09 31.81 4.05
C PHE B 49 -10.59 32.02 3.88
N ARG B 50 -11.20 31.28 2.96
CA ARG B 50 -12.66 31.34 2.67
C ARG B 50 -13.32 29.98 2.84
N HIS B 51 -12.52 28.91 2.68
CA HIS B 51 -12.95 27.51 2.84
C HIS B 51 -12.59 27.13 4.28
N ILE B 52 -13.59 26.78 5.09
N ILE B 52 -13.60 26.76 5.07
CA ILE B 52 -13.39 26.43 6.52
CA ILE B 52 -13.42 26.43 6.51
C ILE B 52 -13.89 25.00 6.75
C ILE B 52 -13.89 24.99 6.74
N ASP B 53 -13.00 24.16 7.27
CA ASP B 53 -13.29 22.71 7.45
C ASP B 53 -13.54 22.41 8.93
N SER B 54 -14.79 21.99 9.26
CA SER B 54 -15.18 21.46 10.58
C SER B 54 -16.00 20.17 10.43
N ALA B 55 -16.59 19.74 11.54
CA ALA B 55 -17.31 18.46 11.71
C ALA B 55 -17.95 18.42 13.11
N HIS B 56 -19.03 17.67 13.25
CA HIS B 56 -19.64 17.39 14.56
C HIS B 56 -18.56 16.84 15.49
N LEU B 57 -17.72 15.95 15.00
CA LEU B 57 -16.72 15.24 15.83
C LEU B 57 -15.76 16.23 16.50
N TYR B 58 -15.52 17.42 15.93
CA TYR B 58 -14.41 18.30 16.39
C TYR B 58 -14.80 19.05 17.66
N ASN B 59 -16.08 18.98 18.05
CA ASN B 59 -16.56 19.73 19.24
C ASN B 59 -16.12 21.19 19.09
N ASN B 60 -16.33 21.80 17.92
CA ASN B 60 -16.00 23.24 17.78
C ASN B 60 -17.01 23.96 16.87
N GLU B 61 -18.10 23.34 16.46
CA GLU B 61 -18.94 24.01 15.43
C GLU B 61 -19.55 25.27 16.03
N GLU B 62 -19.79 25.31 17.35
CA GLU B 62 -20.32 26.53 18.02
C GLU B 62 -19.37 27.71 17.83
N GLN B 63 -18.11 27.46 18.07
CA GLN B 63 -17.04 28.48 18.01
C GLN B 63 -16.71 28.84 16.57
N VAL B 64 -16.59 27.85 15.67
CA VAL B 64 -16.25 28.13 14.24
C VAL B 64 -17.40 28.97 13.64
N GLY B 65 -18.63 28.58 13.94
CA GLY B 65 -19.81 29.27 13.38
C GLY B 65 -19.87 30.71 13.84
N LEU B 66 -19.59 30.93 15.11
CA LEU B 66 -19.58 32.27 15.74
C LEU B 66 -18.50 33.10 15.07
N ALA B 67 -17.32 32.52 14.77
CA ALA B 67 -16.25 33.28 14.07
C ALA B 67 -16.79 33.73 12.70
N ILE B 68 -17.48 32.83 11.98
CA ILE B 68 -18.06 33.12 10.64
C ILE B 68 -19.13 34.22 10.77
N ARG B 69 -20.06 34.05 11.69
CA ARG B 69 -21.15 35.03 11.89
C ARG B 69 -20.54 36.38 12.23
N SER B 70 -19.48 36.37 13.02
CA SER B 70 -18.77 37.59 13.48
C SER B 70 -18.13 38.32 12.29
N LYS B 71 -17.52 37.57 11.36
CA LYS B 71 -16.82 38.18 10.19
C LYS B 71 -17.85 38.65 9.15
N ILE B 72 -19.03 38.06 9.11
CA ILE B 72 -20.12 38.55 8.23
C ILE B 72 -20.72 39.80 8.87
N ALA B 73 -21.03 39.76 10.17
CA ALA B 73 -21.70 40.91 10.85
C ALA B 73 -20.73 42.11 10.90
N ASP B 74 -19.42 41.90 10.95
CA ASP B 74 -18.44 43.02 11.03
C ASP B 74 -18.20 43.64 9.65
N GLY B 75 -18.85 43.14 8.59
CA GLY B 75 -18.74 43.66 7.22
C GLY B 75 -17.52 43.09 6.49
N SER B 76 -16.79 42.17 7.10
CA SER B 76 -15.54 41.63 6.49
C SER B 76 -15.86 40.78 5.25
N VAL B 77 -16.88 39.93 5.34
CA VAL B 77 -17.23 38.97 4.25
C VAL B 77 -18.75 38.83 4.19
N LYS B 78 -19.25 38.36 3.07
CA LYS B 78 -20.67 37.99 2.96
C LYS B 78 -20.73 36.47 3.11
N ARG B 79 -21.90 35.99 3.51
CA ARG B 79 -22.12 34.53 3.72
C ARG B 79 -21.65 33.79 2.46
N GLU B 80 -21.92 34.32 1.26
CA GLU B 80 -21.69 33.55 0.02
C GLU B 80 -20.20 33.54 -0.30
N ASP B 81 -19.39 34.36 0.35
CA ASP B 81 -17.92 34.33 0.20
C ASP B 81 -17.34 33.19 1.03
N ILE B 82 -18.02 32.69 2.05
CA ILE B 82 -17.49 31.63 2.97
C ILE B 82 -17.95 30.26 2.47
N PHE B 83 -17.04 29.30 2.46
CA PHE B 83 -17.35 27.91 2.06
C PHE B 83 -17.15 27.07 3.31
N TYR B 84 -18.24 26.71 4.00
CA TYR B 84 -18.21 25.99 5.29
C TYR B 84 -18.57 24.51 5.06
N THR B 85 -17.73 23.65 5.61
CA THR B 85 -17.85 22.17 5.53
C THR B 85 -18.18 21.65 6.93
N SER B 86 -19.21 20.83 7.00
CA SER B 86 -19.45 19.97 8.19
C SER B 86 -19.47 18.52 7.73
N LYS B 87 -19.43 17.58 8.68
CA LYS B 87 -19.34 16.14 8.39
C LYS B 87 -20.30 15.37 9.31
N LEU B 88 -21.01 14.43 8.71
CA LEU B 88 -21.90 13.44 9.38
C LEU B 88 -21.05 12.42 10.12
N TRP B 89 -21.16 12.34 11.43
CA TRP B 89 -20.39 11.34 12.20
C TRP B 89 -20.96 9.92 12.00
N SER B 90 -20.14 8.91 12.28
CA SER B 90 -20.33 7.47 11.94
C SER B 90 -21.43 6.82 12.79
N THR B 91 -21.88 7.47 13.85
CA THR B 91 -23.04 7.05 14.68
C THR B 91 -24.38 7.50 14.09
N PHE B 92 -24.38 8.24 13.00
CA PHE B 92 -25.58 8.85 12.35
C PHE B 92 -25.69 8.42 10.89
N HIS B 93 -25.08 7.30 10.52
CA HIS B 93 -25.19 6.70 9.16
C HIS B 93 -26.61 6.17 8.91
N ARG B 94 -27.33 5.70 9.91
CA ARG B 94 -28.69 5.17 9.59
C ARG B 94 -29.49 6.32 9.01
N PRO B 95 -30.18 6.13 7.85
CA PRO B 95 -30.70 7.22 7.02
C PRO B 95 -31.60 8.22 7.76
N GLU B 96 -32.38 7.74 8.73
CA GLU B 96 -33.35 8.55 9.50
C GLU B 96 -32.58 9.46 10.46
N LEU B 97 -31.26 9.24 10.63
CA LEU B 97 -30.47 10.04 11.59
C LEU B 97 -29.71 11.16 10.83
N VAL B 98 -29.69 11.14 9.52
CA VAL B 98 -28.77 12.01 8.74
C VAL B 98 -29.24 13.48 8.81
N ARG B 99 -30.46 13.74 8.39
CA ARG B 99 -30.98 15.11 8.36
C ARG B 99 -30.95 15.70 9.77
N PRO B 100 -31.38 14.99 10.82
CA PRO B 100 -31.32 15.59 12.16
C PRO B 100 -29.88 15.91 12.60
N ALA B 101 -28.90 15.10 12.14
CA ALA B 101 -27.47 15.34 12.45
C ALA B 101 -27.05 16.62 11.73
N LEU B 102 -27.45 16.80 10.49
CA LEU B 102 -27.12 18.07 9.79
C LEU B 102 -27.82 19.23 10.49
N GLU B 103 -29.10 19.10 10.87
CA GLU B 103 -29.82 20.24 11.50
C GLU B 103 -29.19 20.58 12.84
N ASN B 104 -28.68 19.60 13.55
CA ASN B 104 -27.97 19.82 14.84
C ASN B 104 -26.71 20.66 14.56
N SER B 105 -25.94 20.30 13.54
CA SER B 105 -24.72 21.08 13.17
C SER B 105 -25.12 22.52 12.82
N LEU B 106 -26.12 22.73 11.97
CA LEU B 106 -26.60 24.08 11.59
C LEU B 106 -27.00 24.86 12.84
N LYS B 107 -27.75 24.24 13.75
CA LYS B 107 -28.14 24.89 15.03
C LYS B 107 -26.88 25.32 15.81
N LYS B 108 -25.89 24.43 16.01
CA LYS B 108 -24.68 24.74 16.80
C LYS B 108 -23.90 25.90 16.18
N ALA B 109 -23.72 25.84 14.85
CA ALA B 109 -22.90 26.80 14.09
C ALA B 109 -23.71 28.08 13.80
N GLN B 110 -25.01 28.04 14.06
CA GLN B 110 -25.98 29.11 13.70
C GLN B 110 -25.75 29.55 12.24
N LEU B 111 -25.75 28.59 11.33
CA LEU B 111 -25.78 28.84 9.86
C LEU B 111 -27.09 28.29 9.31
N ASP B 112 -27.56 28.83 8.19
CA ASP B 112 -28.80 28.36 7.52
C ASP B 112 -28.51 27.16 6.63
N TYR B 113 -27.29 27.03 6.14
CA TYR B 113 -26.89 25.90 5.28
C TYR B 113 -25.40 25.65 5.48
N VAL B 114 -24.94 24.44 5.18
CA VAL B 114 -23.48 24.24 4.96
C VAL B 114 -23.22 24.28 3.46
N ASP B 115 -22.02 24.72 3.08
CA ASP B 115 -21.60 24.64 1.66
C ASP B 115 -21.35 23.18 1.29
N LEU B 116 -20.92 22.37 2.24
CA LEU B 116 -20.52 20.99 1.95
C LEU B 116 -20.81 20.13 3.16
N TYR B 117 -21.47 19.00 2.93
CA TYR B 117 -21.69 18.01 3.99
C TYR B 117 -21.06 16.70 3.54
N LEU B 118 -20.18 16.11 4.38
CA LEU B 118 -19.51 14.83 4.08
C LEU B 118 -20.01 13.70 4.97
N ILE B 119 -20.10 12.48 4.43
CA ILE B 119 -19.95 11.26 5.25
C ILE B 119 -18.52 11.31 5.79
N HIS B 120 -18.37 11.45 7.11
CA HIS B 120 -17.04 11.62 7.76
C HIS B 120 -16.15 10.41 7.50
N SER B 121 -16.74 9.22 7.53
CA SER B 121 -15.99 7.95 7.46
C SER B 121 -16.95 6.85 7.02
N PRO B 122 -16.48 5.86 6.24
CA PRO B 122 -17.37 4.76 5.89
C PRO B 122 -17.58 3.74 7.02
N MET B 123 -16.87 3.90 8.15
CA MET B 123 -16.84 2.86 9.23
C MET B 123 -17.98 3.12 10.22
N SER B 124 -19.18 2.68 9.90
CA SER B 124 -20.42 2.89 10.68
C SER B 124 -20.20 2.46 12.15
N LEU B 125 -20.72 3.23 13.10
CA LEU B 125 -20.62 2.90 14.54
C LEU B 125 -22.03 2.86 15.11
N LYS B 126 -22.16 2.12 16.20
CA LYS B 126 -23.43 1.89 16.90
C LYS B 126 -24.12 3.23 17.10
N PRO B 127 -25.42 3.33 16.73
CA PRO B 127 -26.19 4.54 16.95
C PRO B 127 -26.49 4.65 18.44
N GLY B 128 -26.56 5.88 18.95
CA GLY B 128 -26.65 6.13 20.41
C GLY B 128 -26.00 7.43 20.80
N GLU B 129 -25.83 7.63 22.11
CA GLU B 129 -25.42 8.94 22.66
C GLU B 129 -23.92 9.14 22.41
N GLU B 130 -23.09 8.13 22.68
CA GLU B 130 -21.60 8.24 22.61
C GLU B 130 -21.15 8.28 21.13
N LEU B 131 -20.30 9.26 20.78
CA LEU B 131 -19.63 9.34 19.46
C LEU B 131 -18.62 8.19 19.32
N SER B 132 -18.01 7.75 20.41
CA SER B 132 -17.15 6.52 20.44
C SER B 132 -17.81 5.51 21.36
N PRO B 133 -18.80 4.73 20.88
CA PRO B 133 -19.51 3.78 21.72
C PRO B 133 -18.54 2.62 21.98
N THR B 134 -18.32 2.28 23.24
CA THR B 134 -17.32 1.26 23.67
C THR B 134 -18.00 0.26 24.59
N ASP B 135 -17.66 -1.03 24.43
CA ASP B 135 -18.12 -2.15 25.30
C ASP B 135 -17.33 -2.08 26.64
N GLU B 136 -17.52 -3.10 27.47
CA GLU B 136 -16.80 -3.33 28.76
C GLU B 136 -15.27 -3.25 28.61
N ASN B 137 -14.72 -3.59 27.43
CA ASN B 137 -13.25 -3.71 27.24
C ASN B 137 -12.70 -2.49 26.49
N GLY B 138 -13.49 -1.43 26.42
CA GLY B 138 -13.16 -0.22 25.66
C GLY B 138 -13.03 -0.51 24.17
N LYS B 139 -13.58 -1.64 23.72
CA LYS B 139 -13.69 -1.93 22.27
C LYS B 139 -14.87 -1.12 21.72
N VAL B 140 -14.54 -0.31 20.70
CA VAL B 140 -15.48 0.51 19.87
C VAL B 140 -16.49 -0.44 19.21
N ILE B 141 -17.78 -0.10 19.28
CA ILE B 141 -18.88 -0.95 18.76
C ILE B 141 -19.26 -0.44 17.36
N PHE B 142 -19.13 -1.33 16.41
CA PHE B 142 -19.40 -1.06 14.98
C PHE B 142 -20.91 -1.18 14.76
N ASP B 143 -21.33 -0.74 13.59
CA ASP B 143 -22.71 -0.93 13.06
C ASP B 143 -22.59 -1.38 11.61
N ILE B 144 -23.60 -2.06 11.11
CA ILE B 144 -23.62 -2.52 9.70
C ILE B 144 -24.69 -1.68 9.02
N VAL B 145 -24.28 -0.82 8.10
CA VAL B 145 -25.23 0.07 7.38
C VAL B 145 -24.83 0.06 5.90
N ASP B 146 -25.79 -0.21 5.04
CA ASP B 146 -25.62 0.03 3.58
C ASP B 146 -25.38 1.54 3.37
N LEU B 147 -24.20 1.91 2.93
CA LEU B 147 -23.85 3.37 2.86
C LEU B 147 -24.57 4.02 1.68
N CYS B 148 -25.12 3.25 0.75
CA CYS B 148 -25.97 3.80 -0.35
C CYS B 148 -27.24 4.44 0.23
N THR B 149 -27.73 3.88 1.34
CA THR B 149 -28.94 4.41 2.01
C THR B 149 -28.51 5.72 2.70
N THR B 150 -27.34 5.73 3.32
CA THR B 150 -26.80 6.95 3.97
C THR B 150 -26.69 8.01 2.89
N TRP B 151 -26.08 7.64 1.76
CA TRP B 151 -25.94 8.55 0.60
C TRP B 151 -27.31 9.09 0.12
N GLU B 152 -28.35 8.27 0.03
CA GLU B 152 -29.69 8.75 -0.39
C GLU B 152 -30.19 9.83 0.58
N ALA B 153 -29.99 9.66 1.90
CA ALA B 153 -30.42 10.65 2.91
C ALA B 153 -29.59 11.94 2.83
N MET B 154 -28.30 11.86 2.52
CA MET B 154 -27.44 13.03 2.16
C MET B 154 -28.05 13.76 0.95
N GLU B 155 -28.48 13.03 -0.07
CA GLU B 155 -29.06 13.65 -1.31
C GLU B 155 -30.30 14.46 -0.90
N LYS B 156 -31.11 13.93 0.02
CA LYS B 156 -32.33 14.64 0.46
C LYS B 156 -31.93 15.95 1.16
N CYS B 157 -30.78 15.96 1.83
CA CYS B 157 -30.27 17.17 2.54
C CYS B 157 -29.92 18.24 1.49
N LYS B 158 -29.43 17.82 0.34
CA LYS B 158 -29.06 18.78 -0.72
C LYS B 158 -30.33 19.28 -1.38
N ASP B 159 -31.32 18.41 -1.62
CA ASP B 159 -32.63 18.80 -2.19
C ASP B 159 -33.27 19.85 -1.28
N ALA B 160 -33.17 19.69 0.05
CA ALA B 160 -33.81 20.60 1.05
C ALA B 160 -33.03 21.91 1.13
N GLY B 161 -31.88 22.04 0.47
CA GLY B 161 -31.04 23.25 0.55
C GLY B 161 -30.32 23.37 1.89
N LEU B 162 -30.27 22.32 2.70
CA LEU B 162 -29.51 22.38 3.99
C LEU B 162 -28.01 22.25 3.71
N ALA B 163 -27.66 21.53 2.64
CA ALA B 163 -26.28 21.42 2.13
C ALA B 163 -26.21 21.85 0.66
N LYS B 164 -25.33 22.78 0.27
CA LYS B 164 -25.17 23.18 -1.16
C LYS B 164 -24.61 22.00 -1.94
N SER B 165 -23.62 21.32 -1.35
CA SER B 165 -22.95 20.16 -1.96
C SER B 165 -22.81 19.04 -0.93
N ILE B 166 -22.69 17.82 -1.44
CA ILE B 166 -22.45 16.61 -0.59
C ILE B 166 -21.27 15.83 -1.15
N GLY B 167 -20.53 15.20 -0.24
CA GLY B 167 -19.37 14.39 -0.60
C GLY B 167 -19.07 13.43 0.50
N VAL B 168 -17.91 12.81 0.40
CA VAL B 168 -17.50 11.76 1.36
C VAL B 168 -16.09 12.05 1.82
N SER B 169 -15.67 11.31 2.85
CA SER B 169 -14.31 11.40 3.45
C SER B 169 -13.84 10.01 3.85
N ASN B 170 -12.55 9.76 3.64
CA ASN B 170 -11.94 8.48 4.07
C ASN B 170 -12.52 7.27 3.31
N PHE B 171 -13.06 7.48 2.10
CA PHE B 171 -13.51 6.40 1.18
C PHE B 171 -12.31 5.98 0.32
N ASN B 172 -12.25 4.70 0.00
CA ASN B 172 -11.32 4.15 -1.01
C ASN B 172 -12.11 4.10 -2.34
N ARG B 173 -11.43 3.66 -3.39
CA ARG B 173 -11.99 3.51 -4.74
C ARG B 173 -13.24 2.64 -4.74
N ARG B 174 -13.17 1.49 -4.06
N ARG B 174 -13.17 1.50 -4.06
CA ARG B 174 -14.27 0.50 -4.05
CA ARG B 174 -14.25 0.50 -4.05
C ARG B 174 -15.51 1.19 -3.48
C ARG B 174 -15.50 1.19 -3.48
N GLN B 175 -15.34 1.95 -2.40
CA GLN B 175 -16.48 2.55 -1.66
C GLN B 175 -17.06 3.66 -2.53
N LEU B 176 -16.21 4.47 -3.16
CA LEU B 176 -16.70 5.47 -4.15
C LEU B 176 -17.51 4.79 -5.25
N GLU B 177 -16.97 3.73 -5.87
CA GLU B 177 -17.63 2.99 -6.96
C GLU B 177 -19.03 2.58 -6.49
N MET B 178 -19.11 2.09 -5.27
CA MET B 178 -20.38 1.66 -4.67
C MET B 178 -21.39 2.80 -4.79
N ILE B 179 -21.00 4.05 -4.53
CA ILE B 179 -21.94 5.20 -4.61
C ILE B 179 -22.16 5.48 -6.11
N LEU B 180 -21.10 5.49 -6.91
CA LEU B 180 -21.19 5.97 -8.32
C LEU B 180 -22.08 5.02 -9.13
N ASN B 181 -22.10 3.74 -8.73
CA ASN B 181 -22.84 2.69 -9.47
C ASN B 181 -24.19 2.42 -8.84
N LYS B 182 -24.58 3.17 -7.80
CA LYS B 182 -25.87 3.00 -7.12
C LYS B 182 -26.99 3.23 -8.13
N PRO B 183 -27.94 2.27 -8.26
CA PRO B 183 -29.21 2.51 -8.95
C PRO B 183 -29.92 3.79 -8.48
N GLY B 184 -30.34 4.60 -9.45
CA GLY B 184 -31.08 5.85 -9.20
C GLY B 184 -30.25 6.88 -8.46
N LEU B 185 -28.92 6.81 -8.58
CA LEU B 185 -28.07 7.89 -8.05
C LEU B 185 -28.68 9.22 -8.49
N LYS B 186 -28.73 10.23 -7.63
CA LYS B 186 -29.16 11.60 -8.02
C LYS B 186 -27.93 12.51 -8.08
N TYR B 187 -27.10 12.48 -7.05
CA TYR B 187 -25.92 13.38 -6.89
C TYR B 187 -24.67 12.55 -6.62
N LYS B 188 -23.65 12.72 -7.47
CA LYS B 188 -22.31 12.15 -7.25
C LYS B 188 -21.71 12.85 -6.04
N PRO B 189 -20.81 12.21 -5.26
CA PRO B 189 -20.05 12.96 -4.28
C PRO B 189 -19.25 14.03 -5.01
N VAL B 190 -19.20 15.27 -4.52
CA VAL B 190 -18.38 16.33 -5.16
C VAL B 190 -16.92 16.10 -4.81
N CYS B 191 -16.62 15.43 -3.70
CA CYS B 191 -15.22 15.30 -3.25
C CYS B 191 -15.08 14.01 -2.45
N ASN B 192 -13.81 13.65 -2.23
CA ASN B 192 -13.40 12.61 -1.26
C ASN B 192 -12.26 13.22 -0.44
N GLN B 193 -12.55 13.55 0.81
CA GLN B 193 -11.55 14.15 1.72
C GLN B 193 -10.75 13.02 2.39
N VAL B 194 -9.45 12.96 2.13
CA VAL B 194 -8.61 11.78 2.53
C VAL B 194 -7.27 12.27 3.02
N GLU B 195 -6.61 11.42 3.79
CA GLU B 195 -5.22 11.73 4.22
C GLU B 195 -4.36 11.81 2.96
N CYS B 196 -3.67 12.92 2.79
CA CYS B 196 -2.90 13.12 1.53
C CYS B 196 -1.76 14.08 1.80
N HIS B 197 -0.52 13.59 1.66
CA HIS B 197 0.71 14.39 1.87
C HIS B 197 1.83 13.66 1.16
N PRO B 198 3.05 14.23 1.06
CA PRO B 198 4.11 13.59 0.28
C PRO B 198 4.53 12.20 0.74
N TYR B 199 4.22 11.75 1.97
CA TYR B 199 4.52 10.37 2.43
C TYR B 199 3.39 9.39 2.07
N PHE B 200 2.28 9.93 1.58
CA PHE B 200 1.08 9.16 1.18
C PHE B 200 0.30 10.00 0.17
N ASN B 201 0.75 10.04 -1.07
CA ASN B 201 0.33 11.11 -2.01
C ASN B 201 -0.95 10.71 -2.74
N ARG B 202 -1.36 9.44 -2.58
CA ARG B 202 -2.63 8.91 -3.14
C ARG B 202 -2.71 9.21 -4.64
N SER B 203 -1.63 8.96 -5.38
CA SER B 203 -1.64 9.30 -6.83
C SER B 203 -2.69 8.46 -7.57
N LYS B 204 -2.84 7.16 -7.31
CA LYS B 204 -3.82 6.35 -8.07
C LYS B 204 -5.26 6.75 -7.71
N LEU B 205 -5.55 6.97 -6.44
CA LEU B 205 -6.93 7.38 -6.03
C LEU B 205 -7.24 8.77 -6.61
N LEU B 206 -6.22 9.63 -6.68
CA LEU B 206 -6.38 10.97 -7.28
C LEU B 206 -6.77 10.83 -8.73
N ASP B 207 -6.07 9.99 -9.49
CA ASP B 207 -6.36 9.81 -10.94
C ASP B 207 -7.78 9.25 -11.12
N PHE B 208 -8.14 8.27 -10.28
CA PHE B 208 -9.50 7.70 -10.27
C PHE B 208 -10.51 8.84 -10.03
N CYS B 209 -10.27 9.63 -8.98
CA CYS B 209 -11.20 10.75 -8.63
C CYS B 209 -11.31 11.73 -9.80
N LYS B 210 -10.18 12.17 -10.36
CA LYS B 210 -10.21 13.05 -11.56
C LYS B 210 -11.10 12.42 -12.64
N SER B 211 -11.00 11.11 -12.87
CA SER B 211 -11.70 10.46 -14.01
C SER B 211 -13.22 10.53 -13.77
N LYS B 212 -13.65 10.67 -12.52
CA LYS B 212 -15.09 10.74 -12.15
C LYS B 212 -15.51 12.16 -11.78
N ASP B 213 -14.65 13.17 -12.03
CA ASP B 213 -14.86 14.60 -11.66
C ASP B 213 -15.18 14.72 -10.16
N ILE B 214 -14.52 13.92 -9.35
CA ILE B 214 -14.56 14.05 -7.86
C ILE B 214 -13.25 14.74 -7.46
N VAL B 215 -13.39 15.78 -6.65
CA VAL B 215 -12.23 16.51 -6.09
C VAL B 215 -11.62 15.68 -4.98
N LEU B 216 -10.31 15.48 -5.01
CA LEU B 216 -9.62 14.95 -3.81
C LEU B 216 -9.31 16.13 -2.88
N VAL B 217 -9.67 16.05 -1.61
CA VAL B 217 -9.34 17.10 -0.60
C VAL B 217 -8.38 16.49 0.41
N ALA B 218 -7.19 17.10 0.54
CA ALA B 218 -6.09 16.58 1.38
C ALA B 218 -6.25 17.05 2.82
N TYR B 219 -6.34 16.10 3.76
CA TYR B 219 -6.07 16.41 5.18
C TYR B 219 -4.72 15.84 5.61
N SER B 220 -4.20 16.37 6.71
CA SER B 220 -2.84 16.12 7.25
C SER B 220 -1.84 16.41 6.14
N ALA B 221 -2.13 17.42 5.31
CA ALA B 221 -1.27 17.78 4.16
C ALA B 221 0.08 18.25 4.70
N LEU B 222 0.15 18.64 5.97
CA LEU B 222 1.42 19.15 6.55
C LEU B 222 1.98 18.12 7.51
N GLY B 223 1.46 16.89 7.45
CA GLY B 223 1.99 15.72 8.16
C GLY B 223 1.42 15.51 9.53
N SER B 224 0.24 16.07 9.78
CA SER B 224 -0.53 15.89 11.04
C SER B 224 0.04 16.69 12.22
N GLN B 225 -0.77 16.73 13.27
CA GLN B 225 -0.50 17.41 14.56
C GLN B 225 0.40 16.50 15.39
N ARG B 226 0.62 15.27 14.92
CA ARG B 226 1.46 14.26 15.62
C ARG B 226 0.97 14.08 17.06
N ASP B 227 -0.32 14.11 17.29
CA ASP B 227 -0.88 13.81 18.63
C ASP B 227 -0.55 12.36 19.00
N LYS B 228 -0.02 12.15 20.20
CA LYS B 228 0.50 10.85 20.71
C LYS B 228 -0.57 9.76 20.62
N ARG B 229 -1.83 10.13 20.84
CA ARG B 229 -2.92 9.14 20.93
C ARG B 229 -3.14 8.50 19.57
N TRP B 230 -2.79 9.18 18.48
CA TRP B 230 -3.14 8.74 17.11
C TRP B 230 -1.92 8.45 16.26
N VAL B 231 -0.80 9.10 16.57
CA VAL B 231 0.37 9.17 15.64
C VAL B 231 1.59 8.66 16.41
N ASP B 232 2.19 7.62 15.88
CA ASP B 232 3.50 7.08 16.32
C ASP B 232 4.55 8.20 16.32
N PRO B 233 5.17 8.54 17.49
CA PRO B 233 6.21 9.57 17.52
C PRO B 233 7.44 9.13 16.72
N ASN B 234 7.59 7.84 16.41
CA ASN B 234 8.75 7.34 15.60
C ASN B 234 8.50 7.58 14.11
N SER B 235 7.26 7.91 13.71
CA SER B 235 6.91 8.21 12.29
C SER B 235 7.74 9.40 11.81
N PRO B 236 8.19 9.37 10.54
CA PRO B 236 8.98 10.45 9.97
C PRO B 236 8.23 11.79 10.08
N VAL B 237 8.97 12.84 10.41
CA VAL B 237 8.40 14.20 10.60
C VAL B 237 8.36 14.89 9.24
N LEU B 238 7.16 15.08 8.68
CA LEU B 238 7.05 15.59 7.30
C LEU B 238 7.80 16.92 7.16
N LEU B 239 7.64 17.84 8.10
CA LEU B 239 8.10 19.25 7.92
C LEU B 239 9.60 19.36 8.12
N GLU B 240 10.27 18.26 8.50
CA GLU B 240 11.76 18.17 8.56
C GLU B 240 12.31 17.36 7.39
N ASP B 241 11.47 16.86 6.51
CA ASP B 241 11.94 16.09 5.34
C ASP B 241 13.05 16.86 4.63
N PRO B 242 14.22 16.26 4.37
CA PRO B 242 15.33 16.99 3.74
C PRO B 242 14.99 17.56 2.34
N VAL B 243 14.12 16.88 1.59
CA VAL B 243 13.67 17.33 0.24
C VAL B 243 12.79 18.58 0.40
N LEU B 244 11.80 18.53 1.28
CA LEU B 244 10.98 19.72 1.56
C LEU B 244 11.85 20.88 2.09
N CYS B 245 12.81 20.60 2.97
CA CYS B 245 13.74 21.62 3.54
C CYS B 245 14.65 22.24 2.46
N ALA B 246 15.21 21.44 1.56
CA ALA B 246 16.00 21.93 0.41
C ALA B 246 15.10 22.78 -0.52
N LEU B 247 13.92 22.31 -0.87
CA LEU B 247 13.01 23.08 -1.75
C LEU B 247 12.60 24.40 -1.08
N ALA B 248 12.38 24.40 0.23
CA ALA B 248 12.04 25.62 0.98
C ALA B 248 13.18 26.63 0.80
N LYS B 249 14.43 26.20 0.94
CA LYS B 249 15.59 27.13 0.78
C LYS B 249 15.62 27.65 -0.65
N LYS B 250 15.55 26.74 -1.63
CA LYS B 250 15.55 27.10 -3.07
C LYS B 250 14.56 28.24 -3.32
N HIS B 251 13.30 28.10 -2.88
CA HIS B 251 12.20 29.04 -3.21
C HIS B 251 12.07 30.14 -2.15
N LYS B 252 12.94 30.13 -1.12
CA LYS B 252 12.88 31.03 0.07
C LYS B 252 11.48 30.96 0.68
N ARG B 253 10.98 29.76 0.88
CA ARG B 253 9.64 29.51 1.49
C ARG B 253 9.91 28.63 2.70
N THR B 254 8.92 27.88 3.15
CA THR B 254 9.00 26.97 4.32
C THR B 254 8.60 25.59 3.82
N PRO B 255 9.01 24.51 4.52
CA PRO B 255 8.58 23.16 4.15
C PRO B 255 7.04 23.08 4.06
N ALA B 256 6.32 23.72 4.98
CA ALA B 256 4.84 23.73 4.98
C ALA B 256 4.35 24.28 3.64
N LEU B 257 4.89 25.41 3.18
CA LEU B 257 4.43 26.03 1.92
C LEU B 257 4.76 25.10 0.75
N ILE B 258 5.89 24.43 0.80
CA ILE B 258 6.24 23.47 -0.29
C ILE B 258 5.15 22.39 -0.31
N ALA B 259 4.81 21.84 0.86
CA ALA B 259 3.89 20.70 0.96
C ALA B 259 2.51 21.13 0.45
N LEU B 260 2.12 22.37 0.72
CA LEU B 260 0.79 22.91 0.30
C LEU B 260 0.81 23.11 -1.21
N ARG B 261 1.87 23.76 -1.70
CA ARG B 261 2.02 24.09 -3.13
C ARG B 261 1.99 22.80 -3.95
N TYR B 262 2.69 21.77 -3.48
CA TYR B 262 2.67 20.42 -4.10
C TYR B 262 1.22 20.01 -4.41
N GLN B 263 0.32 20.11 -3.42
CA GLN B 263 -1.08 19.65 -3.61
C GLN B 263 -1.77 20.54 -4.64
N LEU B 264 -1.55 21.84 -4.63
CA LEU B 264 -2.29 22.69 -5.59
C LEU B 264 -1.85 22.38 -7.02
N GLN B 265 -0.56 22.09 -7.24
CA GLN B 265 -0.04 21.92 -8.61
C GLN B 265 -0.47 20.53 -9.11
N ARG B 266 -0.95 19.64 -8.25
CA ARG B 266 -1.43 18.31 -8.74
C ARG B 266 -2.98 18.29 -8.78
N GLY B 267 -3.67 19.42 -8.58
CA GLY B 267 -5.13 19.54 -8.73
C GLY B 267 -5.84 19.04 -7.49
N VAL B 268 -5.13 18.99 -6.37
CA VAL B 268 -5.70 18.58 -5.07
C VAL B 268 -6.12 19.86 -4.34
N VAL B 269 -7.31 19.85 -3.74
CA VAL B 269 -7.73 20.90 -2.76
C VAL B 269 -7.07 20.56 -1.41
N VAL B 270 -6.45 21.55 -0.78
CA VAL B 270 -5.59 21.26 0.40
C VAL B 270 -6.08 22.00 1.64
N LEU B 271 -6.16 21.31 2.77
CA LEU B 271 -6.47 21.90 4.07
C LEU B 271 -5.14 22.22 4.75
N ALA B 272 -5.12 23.24 5.59
CA ALA B 272 -3.96 23.58 6.45
C ALA B 272 -4.52 24.02 7.79
N LYS B 273 -4.27 23.24 8.83
CA LYS B 273 -4.62 23.63 10.20
C LYS B 273 -3.44 24.42 10.74
N SER B 274 -3.73 25.57 11.32
CA SER B 274 -2.80 26.32 12.19
C SER B 274 -3.63 27.11 13.19
N TYR B 275 -3.26 27.01 14.47
CA TYR B 275 -3.83 27.82 15.58
C TYR B 275 -2.82 28.93 15.89
N ASN B 276 -1.86 29.18 14.99
CA ASN B 276 -0.79 30.17 15.24
C ASN B 276 -0.97 31.34 14.27
N GLU B 277 -0.98 32.57 14.79
CA GLU B 277 -1.31 33.74 13.95
C GLU B 277 -0.29 33.94 12.83
N GLN B 278 1.00 33.74 13.09
CA GLN B 278 2.03 33.95 12.02
C GLN B 278 1.88 32.86 10.95
N ARG B 279 1.64 31.60 11.35
CA ARG B 279 1.55 30.46 10.40
C ARG B 279 0.27 30.57 9.58
N ILE B 280 -0.83 31.05 10.18
CA ILE B 280 -2.09 31.22 9.43
C ILE B 280 -1.86 32.22 8.28
N ARG B 281 -1.24 33.34 8.57
CA ARG B 281 -0.86 34.39 7.55
C ARG B 281 0.17 33.82 6.57
N GLN B 282 1.13 33.03 7.04
CA GLN B 282 2.13 32.41 6.10
C GLN B 282 1.44 31.47 5.09
N ASN B 283 0.47 30.66 5.51
CA ASN B 283 -0.02 29.57 4.62
C ASN B 283 -0.76 30.13 3.39
N VAL B 284 -1.26 31.37 3.43
CA VAL B 284 -1.94 31.96 2.23
C VAL B 284 -0.86 32.35 1.22
N GLN B 285 0.42 32.40 1.61
CA GLN B 285 1.58 32.62 0.67
C GLN B 285 1.71 31.44 -0.32
N VAL B 286 0.84 30.43 -0.29
CA VAL B 286 0.88 29.28 -1.25
C VAL B 286 0.55 29.79 -2.66
N PHE B 287 -0.19 30.90 -2.82
CA PHE B 287 -0.58 31.35 -4.18
C PHE B 287 0.54 32.20 -4.77
N GLU B 288 1.62 32.43 -4.02
CA GLU B 288 2.64 33.47 -4.37
C GLU B 288 3.84 32.86 -5.09
N PHE B 289 3.86 31.55 -5.38
CA PHE B 289 5.05 30.92 -5.98
C PHE B 289 4.71 29.58 -6.63
N GLN B 290 5.59 29.10 -7.49
CA GLN B 290 5.43 27.83 -8.24
C GLN B 290 6.62 26.89 -8.03
N LEU B 291 6.34 25.58 -7.96
CA LEU B 291 7.35 24.50 -8.00
C LEU B 291 7.60 24.10 -9.46
N THR B 292 8.82 23.71 -9.78
CA THR B 292 9.24 23.24 -11.14
C THR B 292 8.85 21.77 -11.29
N ALA B 293 8.96 21.23 -12.50
CA ALA B 293 8.61 19.83 -12.85
C ALA B 293 9.50 18.92 -12.01
N GLU B 294 10.77 19.29 -11.91
CA GLU B 294 11.78 18.50 -11.16
C GLU B 294 11.48 18.58 -9.66
N ASP B 295 11.09 19.76 -9.17
CA ASP B 295 10.64 19.93 -7.77
C ASP B 295 9.49 18.94 -7.51
N MET B 296 8.47 18.92 -8.37
CA MET B 296 7.25 18.08 -8.23
C MET B 296 7.62 16.58 -8.31
N LYS B 297 8.56 16.20 -9.18
CA LYS B 297 9.04 14.80 -9.30
C LYS B 297 9.77 14.41 -8.00
N ALA B 298 10.57 15.30 -7.41
CA ALA B 298 11.29 14.99 -6.16
C ALA B 298 10.27 14.75 -5.05
N ILE B 299 9.19 15.54 -4.99
CA ILE B 299 8.19 15.38 -3.89
C ILE B 299 7.45 14.07 -4.14
N ASP B 300 7.09 13.79 -5.40
CA ASP B 300 6.44 12.51 -5.79
C ASP B 300 7.26 11.33 -5.27
N GLY B 301 8.58 11.45 -5.34
CA GLY B 301 9.53 10.40 -4.92
C GLY B 301 9.53 10.12 -3.42
N LEU B 302 8.91 10.96 -2.58
CA LEU B 302 8.87 10.77 -1.11
C LEU B 302 7.76 9.81 -0.71
N ASP B 303 6.87 9.46 -1.65
CA ASP B 303 5.69 8.61 -1.35
C ASP B 303 6.12 7.29 -0.69
N ARG B 304 5.48 6.96 0.43
CA ARG B 304 5.82 5.71 1.15
C ARG B 304 4.60 5.07 1.77
N ASN B 305 3.38 5.37 1.30
CA ASN B 305 2.19 4.71 1.89
C ASN B 305 2.17 4.90 3.43
N LEU B 306 2.59 6.05 3.93
CA LEU B 306 2.54 6.29 5.39
C LEU B 306 1.20 6.93 5.77
N HIS B 307 0.35 6.26 6.43
CA HIS B 307 -0.80 6.97 7.06
C HIS B 307 -0.46 7.23 8.52
N TYR B 308 -0.63 8.49 8.91
CA TYR B 308 -0.18 8.95 10.24
C TYR B 308 -1.09 8.37 11.35
N PHE B 309 -2.37 8.20 11.05
CA PHE B 309 -3.40 7.73 12.03
C PHE B 309 -3.43 6.22 11.95
N ASN B 310 -3.08 5.58 13.07
N ASN B 310 -3.19 5.54 13.05
CA ASN B 310 -3.28 4.13 13.29
CA ASN B 310 -3.36 4.08 13.06
C ASN B 310 -4.63 3.95 13.97
C ASN B 310 -4.36 3.75 14.13
N SER B 311 -5.22 2.76 13.84
CA SER B 311 -6.18 2.27 14.85
C SER B 311 -6.42 0.80 14.61
N ASP B 312 -5.90 0.01 15.55
CA ASP B 312 -6.21 -1.43 15.71
C ASP B 312 -7.73 -1.52 15.82
N SER B 313 -8.31 -0.69 16.69
CA SER B 313 -9.76 -0.33 16.76
C SER B 313 -10.53 -0.45 15.45
N PHE B 314 -10.05 0.23 14.42
CA PHE B 314 -10.80 0.47 13.16
C PHE B 314 -10.28 -0.49 12.10
N ALA B 315 -9.07 -1.01 12.26
CA ALA B 315 -8.42 -1.92 11.28
C ALA B 315 -9.34 -3.09 10.95
N SER B 316 -10.11 -3.57 11.93
CA SER B 316 -10.95 -4.80 11.81
C SER B 316 -12.34 -4.45 11.29
N HIS B 317 -12.67 -3.18 11.09
CA HIS B 317 -14.02 -2.79 10.60
C HIS B 317 -14.18 -3.28 9.17
N PRO B 318 -15.32 -3.90 8.80
CA PRO B 318 -15.50 -4.30 7.40
C PRO B 318 -15.24 -3.17 6.40
N ASN B 319 -15.51 -1.90 6.77
CA ASN B 319 -15.41 -0.73 5.84
C ASN B 319 -14.11 0.05 6.08
N TYR B 320 -13.14 -0.53 6.81
CA TYR B 320 -11.78 0.01 6.94
C TYR B 320 -11.29 0.29 5.53
N PRO B 321 -11.01 1.56 5.18
CA PRO B 321 -10.67 1.89 3.81
C PRO B 321 -9.31 1.33 3.37
N TYR B 322 -8.43 0.96 4.31
CA TYR B 322 -7.05 0.55 3.96
C TYR B 322 -6.94 -0.99 4.04
N SER B 323 -8.03 -1.74 3.86
CA SER B 323 -8.22 -3.12 4.37
C SER B 323 -7.43 -4.22 3.65
N ASP B 324 -6.83 -4.02 2.46
CA ASP B 324 -5.98 -5.10 1.88
C ASP B 324 -4.60 -4.51 1.52
N GLU B 325 -4.03 -3.78 2.47
CA GLU B 325 -2.77 -3.02 2.28
C GLU B 325 -1.59 -3.97 2.46
N TYR B 326 -1.83 -5.20 2.93
CA TYR B 326 -0.89 -6.35 2.82
C TYR B 326 -1.68 -7.67 2.91
#